data_3CV6
#
_entry.id   3CV6
#
_cell.length_a   102.108
_cell.length_b   102.108
_cell.length_c   72.274
_cell.angle_alpha   90.00
_cell.angle_beta   90.00
_cell.angle_gamma   120.00
#
_symmetry.space_group_name_H-M   'P 32'
#
loop_
_entity.id
_entity.type
_entity.pdbx_description
1 polymer 'Aldo-keto reductase family 1 member C21'
2 non-polymer 'NADP NICOTINAMIDE-ADENINE-DINUCLEOTIDE PHOSPHATE'
3 non-polymer 4-[(1R,2S)-1-ethyl-2-(4-hydroxyphenyl)butyl]phenol
4 non-polymer BETA-MERCAPTOETHANOL
5 water water
#
_entity_poly.entity_id   1
_entity_poly.type   'polypeptide(L)'
_entity_poly.pdbx_seq_one_letter_code
;MNSKCHCVILNDGNFIPVLGFGTALPLECPKSKAKELTKIAIDAGFHHFDSASVYNTEDHVGEAIRSKIADGTVRREDIF
YTSKVWCTSLHPELVRASLERSLQKLQFDYVDLYLIHYPMALKPGEENFPVDEHGKLIFDRVDLCATWEAMEKCKDAGLT
KSIGVSNFNYRQLEMILNKPGLKYKPVCNQVECHPYLNQMKLLDFCKSKDIVLVAYGVLGTQRYPPWVDQNSPVLLDEPV
LGSMAKKYNRTPALIALRYQLQRGIVVLNTSLKEERIKENMQVFEFQLSSEDMKVLDGLNRNMRYIPAAIFKGHPNWPFL
DEY
;
_entity_poly.pdbx_strand_id   A,B
#
# COMPACT_ATOMS: atom_id res chain seq x y z
N MET A 1 -15.37 7.70 5.49
CA MET A 1 -14.20 6.90 5.97
C MET A 1 -12.90 7.74 6.06
N ASN A 2 -12.34 7.76 7.26
CA ASN A 2 -10.98 8.28 7.58
C ASN A 2 -9.96 7.71 6.56
N SER A 3 -9.40 8.56 5.70
CA SER A 3 -8.37 8.13 4.71
C SER A 3 -7.09 7.53 5.35
N LYS A 4 -6.96 7.73 6.67
CA LYS A 4 -5.92 7.17 7.52
C LYS A 4 -5.89 5.63 7.63
N CYS A 5 -7.04 4.97 7.46
CA CYS A 5 -7.16 3.51 7.54
C CYS A 5 -6.16 2.75 6.66
N HIS A 6 -5.90 1.48 6.99
CA HIS A 6 -5.21 0.56 6.09
C HIS A 6 -6.19 0.27 4.97
N CYS A 7 -6.23 1.15 3.98
CA CYS A 7 -7.24 1.16 2.92
C CYS A 7 -6.61 1.17 1.52
N VAL A 8 -7.38 0.78 0.52
CA VAL A 8 -7.13 1.13 -0.86
C VAL A 8 -8.25 2.00 -1.40
N ILE A 9 -8.03 2.60 -2.57
CA ILE A 9 -9.01 3.52 -3.15
C ILE A 9 -9.71 2.88 -4.35
N LEU A 10 -11.04 2.83 -4.30
CA LEU A 10 -11.84 2.29 -5.39
C LEU A 10 -11.96 3.31 -6.53
N ASN A 11 -12.41 2.83 -7.69
CA ASN A 11 -12.38 3.63 -8.91
C ASN A 11 -13.53 4.63 -8.96
N ASP A 12 -14.30 4.71 -7.87
CA ASP A 12 -15.29 5.76 -7.70
C ASP A 12 -14.96 6.64 -6.51
N GLY A 13 -13.72 6.56 -6.04
CA GLY A 13 -13.19 7.54 -5.10
C GLY A 13 -13.29 7.11 -3.64
N ASN A 14 -14.09 6.08 -3.37
CA ASN A 14 -14.33 5.58 -2.01
C ASN A 14 -13.23 4.67 -1.48
N PHE A 15 -13.01 4.76 -0.16
CA PHE A 15 -12.02 3.98 0.56
C PHE A 15 -12.56 2.62 1.03
N ILE A 16 -11.83 1.56 0.76
CA ILE A 16 -12.04 0.29 1.44
C ILE A 16 -10.99 0.08 2.52
N PRO A 17 -11.32 -0.73 3.52
CA PRO A 17 -10.31 -1.42 4.32
C PRO A 17 -9.83 -2.75 3.72
N VAL A 18 -8.52 -3.01 3.76
CA VAL A 18 -7.91 -4.16 3.08
C VAL A 18 -8.10 -5.50 3.78
N LEU A 19 -8.50 -5.43 5.03
CA LEU A 19 -8.82 -6.59 5.80
C LEU A 19 -10.29 -6.48 6.22
N GLY A 20 -11.08 -7.51 5.88
CA GLY A 20 -12.48 -7.59 6.23
C GLY A 20 -12.82 -8.86 6.98
N PHE A 21 -13.82 -8.78 7.86
CA PHE A 21 -14.29 -9.95 8.58
C PHE A 21 -15.59 -10.47 7.98
N GLY A 22 -15.59 -11.74 7.59
CA GLY A 22 -16.72 -12.34 6.92
C GLY A 22 -17.75 -12.88 7.89
N THR A 23 -19.02 -12.78 7.53
CA THR A 23 -20.11 -13.02 8.46
C THR A 23 -21.03 -14.14 7.97
N ALA A 24 -20.54 -14.92 7.01
CA ALA A 24 -21.05 -16.26 6.77
C ALA A 24 -20.51 -17.24 7.82
N LEU A 25 -21.38 -18.14 8.27
CA LEU A 25 -21.09 -18.97 9.50
CA LEU A 25 -21.10 -18.97 9.50
C LEU A 25 -20.84 -20.36 9.01
N PRO A 26 -20.42 -21.23 9.91
CA PRO A 26 -20.65 -22.67 9.77
C PRO A 26 -22.13 -23.03 9.96
N LEU A 27 -22.57 -24.07 9.26
CA LEU A 27 -24.00 -24.30 9.05
C LEU A 27 -24.68 -24.78 10.33
N GLU A 28 -23.89 -25.34 11.24
CA GLU A 28 -24.36 -25.66 12.57
C GLU A 28 -24.65 -24.52 13.52
N CYS A 29 -24.18 -23.32 13.24
CA CYS A 29 -24.31 -22.18 14.11
C CYS A 29 -25.67 -21.51 13.98
N PRO A 30 -26.23 -21.07 15.11
CA PRO A 30 -27.29 -20.06 15.08
C PRO A 30 -26.83 -18.78 14.40
N LYS A 31 -27.66 -18.28 13.48
CA LYS A 31 -27.37 -17.01 12.81
C LYS A 31 -27.01 -15.93 13.83
N SER A 32 -27.47 -16.10 15.06
CA SER A 32 -27.29 -15.08 16.08
C SER A 32 -25.87 -15.06 16.61
N LYS A 33 -25.12 -16.12 16.31
CA LYS A 33 -23.68 -16.16 16.59
C LYS A 33 -22.92 -15.01 15.85
N ALA A 34 -23.47 -14.49 14.73
CA ALA A 34 -22.85 -13.37 14.01
C ALA A 34 -22.75 -12.06 14.83
N LYS A 35 -23.70 -11.83 15.73
CA LYS A 35 -23.67 -10.63 16.56
C LYS A 35 -22.44 -10.63 17.49
N GLU A 36 -22.25 -11.75 18.19
CA GLU A 36 -21.14 -11.97 19.11
C GLU A 36 -19.78 -11.82 18.41
N LEU A 37 -19.64 -12.50 17.29
CA LEU A 37 -18.42 -12.46 16.49
C LEU A 37 -18.08 -11.07 15.96
N THR A 38 -19.10 -10.31 15.49
CA THR A 38 -18.93 -8.95 14.98
C THR A 38 -18.42 -7.95 16.04
N LYS A 39 -18.96 -8.04 17.25
CA LYS A 39 -18.54 -7.25 18.41
C LYS A 39 -17.08 -7.52 18.79
N ILE A 40 -16.71 -8.79 18.82
CA ILE A 40 -15.31 -9.19 19.01
C ILE A 40 -14.43 -8.66 17.89
N ALA A 41 -14.87 -8.84 16.65
CA ALA A 41 -14.07 -8.37 15.50
C ALA A 41 -13.85 -6.86 15.54
N ILE A 42 -14.90 -6.09 15.82
CA ILE A 42 -14.76 -4.67 16.07
C ILE A 42 -13.67 -4.40 17.11
N ASP A 43 -13.87 -4.92 18.31
CA ASP A 43 -12.92 -4.73 19.44
C ASP A 43 -11.45 -5.03 19.07
N ALA A 44 -11.25 -6.02 18.19
CA ALA A 44 -9.92 -6.35 17.66
C ALA A 44 -9.42 -5.40 16.56
N GLY A 45 -10.29 -4.53 16.05
CA GLY A 45 -9.84 -3.50 15.10
C GLY A 45 -10.33 -3.65 13.66
N PHE A 46 -11.22 -4.60 13.42
CA PHE A 46 -11.87 -4.75 12.10
C PHE A 46 -12.93 -3.65 11.90
N HIS A 47 -12.92 -3.01 10.73
CA HIS A 47 -13.97 -2.05 10.40
CA HIS A 47 -13.86 -1.96 10.33
C HIS A 47 -14.62 -2.31 9.03
N HIS A 48 -14.17 -3.36 8.35
CA HIS A 48 -14.80 -3.80 7.11
C HIS A 48 -15.43 -5.18 7.27
N PHE A 49 -16.72 -5.27 6.98
CA PHE A 49 -17.50 -6.47 7.26
C PHE A 49 -18.26 -6.95 6.02
N ASP A 50 -18.02 -8.19 5.64
CA ASP A 50 -18.59 -8.73 4.42
C ASP A 50 -19.82 -9.60 4.71
N SER A 51 -20.94 -9.24 4.10
CA SER A 51 -22.17 -10.02 4.25
C SER A 51 -22.89 -10.23 2.91
N ALA A 52 -24.12 -10.73 2.98
CA ALA A 52 -24.93 -11.08 1.79
C ALA A 52 -26.35 -11.34 2.24
N SER A 53 -27.32 -11.04 1.39
CA SER A 53 -28.72 -11.35 1.66
C SER A 53 -28.87 -12.80 2.11
N VAL A 54 -27.95 -13.65 1.67
CA VAL A 54 -28.19 -15.09 1.66
C VAL A 54 -27.57 -15.76 2.88
N TYR A 55 -26.67 -15.05 3.54
CA TYR A 55 -26.10 -15.53 4.80
C TYR A 55 -27.14 -15.54 5.90
N ASN A 56 -28.08 -14.60 5.85
CA ASN A 56 -29.13 -14.49 6.87
C ASN A 56 -28.56 -14.06 8.21
N THR A 57 -27.46 -13.31 8.14
CA THR A 57 -26.79 -12.82 9.33
C THR A 57 -26.80 -11.31 9.38
N GLU A 58 -27.43 -10.67 8.38
CA GLU A 58 -27.42 -9.19 8.26
C GLU A 58 -28.03 -8.40 9.42
N ASP A 59 -29.16 -8.88 9.93
CA ASP A 59 -29.81 -8.26 11.08
C ASP A 59 -28.94 -8.35 12.32
N HIS A 60 -28.18 -9.44 12.43
CA HIS A 60 -27.39 -9.70 13.62
C HIS A 60 -26.10 -8.87 13.62
N VAL A 61 -25.48 -8.75 12.45
CA VAL A 61 -24.29 -7.93 12.30
C VAL A 61 -24.60 -6.45 12.47
N GLY A 62 -25.73 -6.03 11.91
CA GLY A 62 -26.19 -4.65 12.04
C GLY A 62 -26.42 -4.26 13.49
N GLU A 63 -27.09 -5.14 14.23
CA GLU A 63 -27.24 -4.97 15.67
C GLU A 63 -25.90 -4.88 16.47
N ALA A 64 -24.94 -5.76 16.16
CA ALA A 64 -23.59 -5.64 16.71
C ALA A 64 -22.96 -4.27 16.41
N ILE A 65 -23.03 -3.83 15.17
CA ILE A 65 -22.45 -2.54 14.74
C ILE A 65 -23.16 -1.37 15.46
N ARG A 66 -24.48 -1.42 15.54
CA ARG A 66 -25.22 -0.39 16.28
C ARG A 66 -24.83 -0.29 17.76
N SER A 67 -24.54 -1.41 18.42
CA SER A 67 -24.15 -1.33 19.85
C SER A 67 -22.76 -0.77 20.02
N LYS A 68 -21.89 -1.02 19.05
CA LYS A 68 -20.53 -0.52 19.08
C LYS A 68 -20.48 0.97 18.73
N ILE A 69 -21.53 1.44 18.04
CA ILE A 69 -21.75 2.87 17.87
C ILE A 69 -22.34 3.49 19.13
N ALA A 70 -23.37 2.84 19.68
CA ALA A 70 -24.05 3.35 20.87
C ALA A 70 -23.05 3.61 21.99
N ASP A 71 -22.01 2.80 22.06
CA ASP A 71 -21.12 2.78 23.22
C ASP A 71 -19.77 3.41 22.90
N GLY A 72 -19.67 4.02 21.73
CA GLY A 72 -18.64 5.00 21.46
C GLY A 72 -17.41 4.40 20.81
N THR A 73 -17.48 3.11 20.50
CA THR A 73 -16.38 2.41 19.89
C THR A 73 -16.10 2.83 18.45
N VAL A 74 -17.14 2.93 17.63
CA VAL A 74 -17.04 3.23 16.21
C VAL A 74 -18.07 4.26 15.78
N ARG A 75 -17.88 4.90 14.64
CA ARG A 75 -18.94 5.66 13.97
C ARG A 75 -19.37 4.88 12.73
N ARG A 76 -20.60 5.10 12.27
CA ARG A 76 -21.11 4.51 11.00
C ARG A 76 -20.15 4.77 9.84
N GLU A 77 -19.65 5.99 9.77
CA GLU A 77 -18.74 6.48 8.70
C GLU A 77 -17.43 5.72 8.63
N ASP A 78 -17.01 5.15 9.75
CA ASP A 78 -15.77 4.38 9.80
C ASP A 78 -15.96 2.87 9.65
N ILE A 79 -17.21 2.43 9.48
CA ILE A 79 -17.50 1.03 9.17
CA ILE A 79 -17.45 1.04 9.15
C ILE A 79 -17.74 0.90 7.66
N PHE A 80 -17.13 -0.10 7.04
CA PHE A 80 -17.40 -0.45 5.65
C PHE A 80 -18.21 -1.75 5.63
N TYR A 81 -19.50 -1.67 5.34
CA TYR A 81 -20.39 -2.85 5.28
C TYR A 81 -20.75 -3.28 3.84
N THR A 82 -20.53 -4.57 3.51
CA THR A 82 -20.86 -5.09 2.16
C THR A 82 -22.05 -6.01 2.19
N SER A 83 -23.00 -5.79 1.29
CA SER A 83 -24.03 -6.81 1.07
C SER A 83 -23.97 -7.28 -0.40
N LYS A 84 -24.81 -8.26 -0.75
CA LYS A 84 -24.81 -8.89 -2.09
C LYS A 84 -26.24 -9.27 -2.49
N VAL A 85 -26.65 -8.95 -3.71
CA VAL A 85 -27.98 -9.37 -4.18
C VAL A 85 -27.87 -10.86 -4.59
N TRP A 86 -28.77 -11.70 -4.10
CA TRP A 86 -28.70 -13.11 -4.43
C TRP A 86 -29.32 -13.46 -5.80
N CYS A 87 -28.91 -14.61 -6.34
CA CYS A 87 -29.39 -15.21 -7.59
C CYS A 87 -30.89 -15.22 -7.93
N THR A 88 -31.72 -15.17 -6.89
CA THR A 88 -33.17 -15.05 -7.04
C THR A 88 -33.71 -13.62 -7.29
N SER A 89 -32.85 -12.60 -7.16
CA SER A 89 -33.28 -11.22 -7.30
C SER A 89 -32.47 -10.44 -8.34
N LEU A 90 -31.84 -11.15 -9.26
CA LEU A 90 -31.05 -10.51 -10.29
C LEU A 90 -31.87 -9.73 -11.33
N HIS A 91 -33.16 -10.04 -11.45
CA HIS A 91 -34.03 -9.34 -12.40
C HIS A 91 -34.08 -7.88 -12.04
N PRO A 92 -33.91 -6.97 -13.04
CA PRO A 92 -33.75 -5.53 -12.76
C PRO A 92 -34.79 -5.00 -11.79
N GLU A 93 -36.02 -5.47 -11.92
CA GLU A 93 -37.12 -4.98 -11.10
C GLU A 93 -37.09 -5.56 -9.68
N LEU A 94 -36.15 -6.46 -9.41
CA LEU A 94 -36.07 -7.12 -8.11
C LEU A 94 -34.86 -6.70 -7.23
N VAL A 95 -33.88 -6.07 -7.87
CA VAL A 95 -32.59 -5.71 -7.25
C VAL A 95 -32.75 -4.71 -6.11
N ARG A 96 -33.42 -3.58 -6.37
CA ARG A 96 -33.63 -2.52 -5.41
C ARG A 96 -34.50 -2.95 -4.24
N ALA A 97 -35.55 -3.76 -4.50
CA ALA A 97 -36.38 -4.33 -3.44
C ALA A 97 -35.54 -5.14 -2.43
N SER A 98 -34.61 -5.94 -2.96
CA SER A 98 -33.74 -6.77 -2.13
C SER A 98 -32.81 -5.89 -1.26
N LEU A 99 -32.27 -4.81 -1.85
CA LEU A 99 -31.38 -3.89 -1.11
C LEU A 99 -32.13 -3.21 0.04
N GLU A 100 -33.34 -2.73 -0.28
CA GLU A 100 -34.15 -2.07 0.70
C GLU A 100 -34.59 -2.99 1.85
N ARG A 101 -34.83 -4.27 1.55
CA ARG A 101 -35.08 -5.29 2.59
C ARG A 101 -33.87 -5.53 3.54
N SER A 102 -32.67 -5.58 2.98
CA SER A 102 -31.43 -5.71 3.72
C SER A 102 -31.23 -4.49 4.61
N LEU A 103 -31.45 -3.29 4.05
CA LEU A 103 -31.34 -2.03 4.81
C LEU A 103 -32.32 -2.00 5.97
N GLN A 104 -33.55 -2.48 5.73
CA GLN A 104 -34.52 -2.69 6.83
C GLN A 104 -34.05 -3.72 7.91
N LYS A 105 -33.49 -4.85 7.49
CA LYS A 105 -32.91 -5.80 8.46
C LYS A 105 -31.80 -5.16 9.32
N LEU A 106 -30.91 -4.40 8.67
CA LEU A 106 -29.72 -3.80 9.28
C LEU A 106 -30.01 -2.57 10.13
N GLN A 107 -31.18 -1.96 9.89
CA GLN A 107 -31.53 -0.59 10.32
C GLN A 107 -30.43 0.42 9.95
N PHE A 108 -30.03 0.37 8.67
CA PHE A 108 -28.98 1.20 8.08
C PHE A 108 -29.65 2.10 7.02
N ASP A 109 -29.04 3.23 6.68
CA ASP A 109 -29.56 4.08 5.60
C ASP A 109 -28.96 3.67 4.27
N TYR A 110 -27.75 3.16 4.33
CA TYR A 110 -27.00 2.80 3.16
C TYR A 110 -26.08 1.61 3.48
N VAL A 111 -25.70 0.85 2.47
CA VAL A 111 -24.54 -0.08 2.58
C VAL A 111 -23.40 0.64 1.86
N ASP A 112 -22.16 0.28 2.18
CA ASP A 112 -21.01 0.85 1.50
C ASP A 112 -20.73 0.19 0.15
N LEU A 113 -21.03 -1.11 0.04
CA LEU A 113 -20.76 -1.87 -1.16
C LEU A 113 -21.88 -2.89 -1.42
N TYR A 114 -22.29 -3.03 -2.69
CA TYR A 114 -23.35 -3.95 -3.09
C TYR A 114 -22.92 -4.73 -4.35
N LEU A 115 -22.93 -6.06 -4.23
CA LEU A 115 -22.36 -6.94 -5.26
C LEU A 115 -23.48 -7.79 -5.84
N ILE A 116 -23.40 -8.04 -7.14
CA ILE A 116 -24.03 -9.24 -7.71
C ILE A 116 -23.28 -10.46 -7.20
N HIS A 117 -23.97 -11.33 -6.43
CA HIS A 117 -23.32 -12.48 -5.73
C HIS A 117 -22.78 -13.58 -6.67
N TYR A 118 -23.55 -13.87 -7.71
CA TYR A 118 -23.14 -14.75 -8.80
C TYR A 118 -23.73 -14.21 -10.11
N PRO A 119 -23.05 -14.47 -11.24
CA PRO A 119 -23.61 -14.10 -12.54
C PRO A 119 -24.81 -14.98 -12.98
N MET A 120 -25.24 -15.90 -12.12
CA MET A 120 -26.31 -16.84 -12.43
C MET A 120 -27.62 -16.57 -11.72
N ALA A 121 -28.72 -16.45 -12.49
CA ALA A 121 -30.06 -16.28 -11.93
C ALA A 121 -30.82 -17.59 -11.65
N LEU A 122 -31.66 -17.57 -10.61
CA LEU A 122 -32.55 -18.66 -10.21
C LEU A 122 -33.97 -18.16 -10.14
N LYS A 123 -34.92 -19.08 -10.14
CA LYS A 123 -36.33 -18.78 -9.99
C LYS A 123 -36.63 -17.83 -8.81
N PRO A 124 -37.27 -16.68 -9.09
CA PRO A 124 -37.66 -15.73 -8.04
C PRO A 124 -38.59 -16.35 -7.00
N GLY A 125 -38.49 -15.81 -5.79
CA GLY A 125 -39.27 -16.26 -4.66
C GLY A 125 -38.42 -16.16 -3.42
N GLU A 126 -39.05 -16.44 -2.28
CA GLU A 126 -38.44 -16.30 -0.95
C GLU A 126 -37.38 -17.35 -0.65
N GLU A 127 -37.51 -18.50 -1.30
CA GLU A 127 -36.54 -19.58 -1.11
C GLU A 127 -35.29 -19.36 -1.96
N ASN A 128 -34.13 -19.55 -1.34
CA ASN A 128 -32.87 -19.12 -1.94
C ASN A 128 -32.29 -20.14 -2.90
N PHE A 129 -32.76 -21.38 -2.78
CA PHE A 129 -32.16 -22.50 -3.50
C PHE A 129 -33.23 -23.37 -4.16
N PRO A 130 -34.26 -22.73 -4.69
CA PRO A 130 -35.39 -23.44 -5.29
C PRO A 130 -34.93 -24.63 -6.12
N VAL A 131 -35.43 -25.82 -5.81
CA VAL A 131 -35.05 -27.03 -6.53
C VAL A 131 -36.27 -27.73 -7.10
N ASP A 132 -36.05 -28.58 -8.11
CA ASP A 132 -37.11 -29.45 -8.63
C ASP A 132 -37.21 -30.78 -7.83
N GLU A 133 -38.13 -31.65 -8.26
CA GLU A 133 -38.33 -32.95 -7.59
C GLU A 133 -37.12 -33.89 -7.64
N HIS A 134 -36.15 -33.63 -8.51
CA HIS A 134 -34.91 -34.43 -8.54
C HIS A 134 -33.77 -33.86 -7.68
N GLY A 135 -34.04 -32.76 -6.97
CA GLY A 135 -33.04 -32.06 -6.15
C GLY A 135 -32.12 -31.13 -6.93
N LYS A 136 -32.56 -30.72 -8.12
CA LYS A 136 -31.80 -29.78 -8.97
C LYS A 136 -32.35 -28.36 -8.89
N LEU A 137 -31.44 -27.39 -8.82
CA LEU A 137 -31.79 -25.96 -8.81
C LEU A 137 -32.57 -25.57 -10.06
N ILE A 138 -33.57 -24.71 -9.85
CA ILE A 138 -34.35 -24.15 -10.95
C ILE A 138 -33.73 -22.84 -11.45
N PHE A 139 -33.00 -22.93 -12.56
CA PHE A 139 -32.35 -21.78 -13.18
C PHE A 139 -33.38 -20.81 -13.78
N ASP A 140 -32.96 -19.57 -14.00
CA ASP A 140 -33.77 -18.59 -14.67
C ASP A 140 -32.82 -17.84 -15.58
N ARG A 141 -33.40 -17.05 -16.48
CA ARG A 141 -32.62 -16.29 -17.43
C ARG A 141 -32.63 -14.82 -17.03
N VAL A 142 -31.47 -14.17 -17.09
CA VAL A 142 -31.41 -12.71 -16.84
C VAL A 142 -30.46 -12.02 -17.82
N ASP A 143 -30.78 -10.77 -18.15
CA ASP A 143 -29.84 -9.84 -18.78
C ASP A 143 -28.99 -9.17 -17.68
N LEU A 144 -27.73 -9.58 -17.60
CA LEU A 144 -26.78 -9.11 -16.60
C LEU A 144 -26.45 -7.62 -16.75
N CYS A 145 -26.47 -7.12 -17.99
CA CYS A 145 -26.30 -5.69 -18.25
C CYS A 145 -27.46 -4.87 -17.73
N ALA A 146 -28.65 -5.48 -17.68
CA ALA A 146 -29.83 -4.81 -17.13
C ALA A 146 -29.90 -4.90 -15.58
N THR A 147 -29.46 -6.03 -15.03
CA THR A 147 -29.16 -6.17 -13.59
C THR A 147 -28.18 -5.04 -13.19
N TRP A 148 -27.17 -4.80 -14.04
CA TRP A 148 -26.14 -3.79 -13.74
C TRP A 148 -26.64 -2.34 -13.70
N GLU A 149 -27.47 -1.97 -14.67
CA GLU A 149 -28.18 -0.68 -14.67
C GLU A 149 -29.02 -0.47 -13.43
N ALA A 150 -29.63 -1.54 -12.93
CA ALA A 150 -30.38 -1.47 -11.68
C ALA A 150 -29.44 -1.23 -10.48
N MET A 151 -28.24 -1.83 -10.52
CA MET A 151 -27.19 -1.61 -9.51
C MET A 151 -26.76 -0.15 -9.51
N GLU A 152 -26.51 0.39 -10.71
CA GLU A 152 -26.26 1.83 -10.94
C GLU A 152 -27.28 2.79 -10.37
N LYS A 153 -28.57 2.50 -10.53
CA LYS A 153 -29.65 3.34 -9.98
C LYS A 153 -29.74 3.28 -8.43
N CYS A 154 -29.36 2.15 -7.87
CA CYS A 154 -29.18 1.99 -6.42
C CYS A 154 -28.08 2.92 -5.88
N LYS A 155 -26.98 3.04 -6.61
CA LYS A 155 -25.91 3.99 -6.29
C LYS A 155 -26.36 5.46 -6.44
N ASP A 156 -27.09 5.76 -7.50
CA ASP A 156 -27.59 7.12 -7.73
C ASP A 156 -28.62 7.53 -6.71
N ALA A 157 -29.33 6.54 -6.17
CA ALA A 157 -30.35 6.75 -5.15
C ALA A 157 -29.76 6.85 -3.73
N GLY A 158 -28.46 6.59 -3.59
CA GLY A 158 -27.78 6.74 -2.28
C GLY A 158 -27.96 5.57 -1.32
N LEU A 159 -28.51 4.47 -1.83
CA LEU A 159 -28.72 3.23 -1.06
C LEU A 159 -27.45 2.40 -0.86
N THR A 160 -26.52 2.56 -1.81
CA THR A 160 -25.19 2.01 -1.73
C THR A 160 -24.19 3.03 -2.20
N LYS A 161 -23.05 3.13 -1.53
CA LYS A 161 -22.01 4.07 -1.96
C LYS A 161 -21.32 3.58 -3.24
N SER A 162 -21.09 2.27 -3.30
CA SER A 162 -20.35 1.64 -4.39
C SER A 162 -21.06 0.38 -4.88
N ILE A 163 -20.68 -0.07 -6.07
CA ILE A 163 -21.23 -1.29 -6.69
C ILE A 163 -20.09 -2.09 -7.32
N GLY A 164 -20.20 -3.41 -7.29
CA GLY A 164 -19.48 -4.25 -8.21
C GLY A 164 -20.03 -5.67 -8.28
N VAL A 165 -19.15 -6.65 -8.33
CA VAL A 165 -19.52 -7.99 -8.77
C VAL A 165 -18.78 -9.06 -7.94
N SER A 166 -19.21 -10.31 -8.09
CA SER A 166 -18.58 -11.42 -7.38
C SER A 166 -18.66 -12.71 -8.20
N ASN A 167 -17.62 -13.53 -8.08
CA ASN A 167 -17.56 -14.78 -8.84
C ASN A 167 -17.84 -14.61 -10.38
N PHE A 168 -17.39 -13.48 -10.97
CA PHE A 168 -17.34 -13.26 -12.43
C PHE A 168 -15.99 -13.70 -13.04
N ASN A 169 -16.07 -14.25 -14.26
CA ASN A 169 -14.85 -14.51 -15.05
C ASN A 169 -14.52 -13.30 -15.94
N TYR A 170 -13.35 -13.33 -16.57
CA TYR A 170 -12.91 -12.35 -17.57
C TYR A 170 -14.01 -11.91 -18.56
N ARG A 171 -14.64 -12.87 -19.23
N ARG A 171 -14.65 -12.88 -19.22
CA ARG A 171 -15.65 -12.55 -20.24
CA ARG A 171 -15.68 -12.60 -20.23
C ARG A 171 -16.89 -11.85 -19.65
C ARG A 171 -16.89 -11.86 -19.64
N GLN A 172 -17.32 -12.29 -18.46
CA GLN A 172 -18.47 -11.64 -17.78
C GLN A 172 -18.16 -10.18 -17.34
N LEU A 173 -16.94 -9.93 -16.87
CA LEU A 173 -16.53 -8.56 -16.52
C LEU A 173 -16.51 -7.66 -17.76
N GLU A 174 -15.95 -8.22 -18.84
CA GLU A 174 -15.93 -7.57 -20.15
C GLU A 174 -17.32 -7.16 -20.68
N MET A 175 -18.31 -8.05 -20.57
CA MET A 175 -19.72 -7.71 -20.85
C MET A 175 -20.20 -6.43 -20.18
N ILE A 176 -19.90 -6.28 -18.89
CA ILE A 176 -20.25 -5.04 -18.17
C ILE A 176 -19.43 -3.83 -18.67
N LEU A 177 -18.12 -4.03 -18.82
CA LEU A 177 -17.21 -2.93 -19.15
C LEU A 177 -17.50 -2.31 -20.53
N ASN A 178 -17.83 -3.18 -21.47
CA ASN A 178 -18.19 -2.78 -22.85
C ASN A 178 -19.67 -2.40 -23.06
N LYS A 179 -20.46 -2.44 -22.00
CA LYS A 179 -21.90 -2.21 -22.14
C LYS A 179 -22.20 -0.79 -22.60
N PRO A 180 -23.03 -0.65 -23.67
CA PRO A 180 -23.42 0.69 -24.13
C PRO A 180 -24.16 1.51 -23.07
N GLY A 181 -23.74 2.76 -22.90
CA GLY A 181 -24.35 3.64 -21.92
C GLY A 181 -23.88 3.44 -20.47
N LEU A 182 -22.84 2.59 -20.29
CA LEU A 182 -22.23 2.33 -18.97
C LEU A 182 -21.94 3.61 -18.18
N LYS A 183 -22.51 3.66 -16.97
CA LYS A 183 -22.34 4.80 -16.05
C LYS A 183 -21.20 4.61 -15.02
N TYR A 184 -21.15 3.44 -14.38
CA TYR A 184 -20.12 3.14 -13.37
C TYR A 184 -19.54 1.75 -13.60
N LYS A 185 -18.22 1.66 -13.69
CA LYS A 185 -17.55 0.34 -13.68
C LYS A 185 -17.80 -0.38 -12.34
N PRO A 186 -17.77 -1.74 -12.29
CA PRO A 186 -17.69 -2.42 -10.98
C PRO A 186 -16.40 -2.04 -10.23
N VAL A 187 -16.50 -1.79 -8.93
CA VAL A 187 -15.31 -1.42 -8.13
C VAL A 187 -14.43 -2.61 -7.77
N CYS A 188 -14.99 -3.81 -7.87
CA CYS A 188 -14.34 -5.03 -7.39
C CYS A 188 -14.92 -6.30 -8.01
N ASN A 189 -14.11 -7.35 -8.01
CA ASN A 189 -14.60 -8.68 -8.26
C ASN A 189 -14.22 -9.53 -7.08
N GLN A 190 -15.20 -9.99 -6.32
CA GLN A 190 -14.95 -10.86 -5.18
C GLN A 190 -14.91 -12.33 -5.60
N VAL A 191 -13.77 -12.98 -5.37
CA VAL A 191 -13.56 -14.36 -5.81
C VAL A 191 -12.72 -15.13 -4.81
N GLU A 192 -12.78 -16.46 -4.89
CA GLU A 192 -11.89 -17.31 -4.12
C GLU A 192 -10.43 -17.13 -4.53
N CYS A 193 -9.56 -17.03 -3.54
CA CYS A 193 -8.12 -16.83 -3.79
C CYS A 193 -7.27 -17.17 -2.57
N HIS A 194 -6.31 -18.06 -2.75
CA HIS A 194 -5.31 -18.36 -1.72
C HIS A 194 -3.98 -18.73 -2.33
N PRO A 195 -3.13 -19.38 -1.53
CA PRO A 195 -1.91 -19.99 -2.05
C PRO A 195 -2.19 -20.97 -3.19
N TYR A 196 -3.17 -21.85 -2.98
CA TYR A 196 -3.36 -22.99 -3.86
C TYR A 196 -3.98 -22.56 -5.18
N LEU A 197 -4.77 -21.49 -5.14
CA LEU A 197 -5.50 -21.03 -6.32
C LEU A 197 -5.35 -19.53 -6.50
N ASN A 198 -4.23 -19.10 -7.06
CA ASN A 198 -3.73 -17.73 -6.87
C ASN A 198 -4.26 -16.66 -7.81
N GLN A 199 -5.11 -17.07 -8.76
CA GLN A 199 -5.86 -16.14 -9.61
C GLN A 199 -4.98 -15.11 -10.36
N MET A 200 -3.73 -15.46 -10.67
CA MET A 200 -2.78 -14.49 -11.24
C MET A 200 -3.29 -13.77 -12.49
N LYS A 201 -3.92 -14.51 -13.40
CA LYS A 201 -4.46 -13.97 -14.65
C LYS A 201 -5.71 -13.13 -14.42
N LEU A 202 -6.63 -13.63 -13.60
CA LEU A 202 -7.82 -12.84 -13.26
C LEU A 202 -7.44 -11.51 -12.53
N LEU A 203 -6.47 -11.60 -11.61
CA LEU A 203 -5.96 -10.46 -10.83
C LEU A 203 -5.29 -9.37 -11.71
N ASP A 204 -4.31 -9.79 -12.51
CA ASP A 204 -3.68 -8.96 -13.54
C ASP A 204 -4.71 -8.20 -14.38
N PHE A 205 -5.73 -8.91 -14.89
CA PHE A 205 -6.82 -8.27 -15.65
C PHE A 205 -7.63 -7.22 -14.86
N CYS A 206 -8.01 -7.56 -13.65
CA CYS A 206 -8.80 -6.66 -12.81
C CYS A 206 -8.04 -5.33 -12.60
N LYS A 207 -6.74 -5.41 -12.30
CA LYS A 207 -5.90 -4.21 -12.08
C LYS A 207 -5.86 -3.28 -13.29
N SER A 208 -5.72 -3.87 -14.48
CA SER A 208 -5.66 -3.13 -15.77
C SER A 208 -6.94 -2.32 -16.01
N LYS A 209 -8.04 -2.78 -15.42
CA LYS A 209 -9.35 -2.13 -15.51
C LYS A 209 -9.79 -1.34 -14.24
N ASP A 210 -8.89 -1.18 -13.27
CA ASP A 210 -9.15 -0.45 -12.00
C ASP A 210 -10.17 -1.19 -11.11
N ILE A 211 -10.15 -2.51 -11.20
CA ILE A 211 -11.05 -3.36 -10.43
C ILE A 211 -10.24 -4.04 -9.35
N VAL A 212 -10.62 -3.82 -8.10
CA VAL A 212 -9.96 -4.46 -6.93
C VAL A 212 -10.43 -5.91 -6.81
N LEU A 213 -9.51 -6.85 -6.71
CA LEU A 213 -9.83 -8.22 -6.34
C LEU A 213 -9.94 -8.40 -4.80
N VAL A 214 -11.12 -8.86 -4.36
CA VAL A 214 -11.39 -9.15 -2.97
C VAL A 214 -11.43 -10.68 -2.86
N ALA A 215 -10.63 -11.23 -1.93
CA ALA A 215 -10.44 -12.67 -1.84
C ALA A 215 -11.21 -13.33 -0.68
N TYR A 216 -11.92 -14.42 -1.01
CA TYR A 216 -12.41 -15.34 0.00
C TYR A 216 -11.67 -16.69 -0.13
N GLY A 217 -11.87 -17.56 0.86
CA GLY A 217 -11.14 -18.84 0.91
C GLY A 217 -9.66 -18.66 1.21
N VAL A 218 -9.32 -17.50 1.81
CA VAL A 218 -7.91 -17.08 2.03
C VAL A 218 -7.19 -18.11 2.92
N LEU A 219 -7.94 -18.74 3.81
CA LEU A 219 -7.37 -19.72 4.73
C LEU A 219 -7.88 -21.13 4.41
N GLY A 220 -8.37 -21.30 3.17
CA GLY A 220 -8.83 -22.59 2.65
C GLY A 220 -10.32 -22.86 2.77
N THR A 221 -11.10 -21.84 3.16
CA THR A 221 -12.58 -21.89 3.43
C THR A 221 -12.99 -22.57 4.75
N GLN A 222 -14.23 -22.33 5.17
CA GLN A 222 -14.79 -22.98 6.36
C GLN A 222 -15.21 -24.44 6.04
N ARG A 223 -15.01 -24.84 4.80
CA ARG A 223 -15.21 -26.20 4.39
C ARG A 223 -16.66 -26.67 4.59
N TYR A 224 -17.60 -25.81 4.21
CA TYR A 224 -19.01 -26.06 4.41
C TYR A 224 -19.39 -27.32 3.65
N PRO A 225 -19.94 -28.31 4.32
CA PRO A 225 -19.92 -29.67 3.81
C PRO A 225 -20.85 -29.89 2.63
N PRO A 226 -21.89 -29.07 2.53
CA PRO A 226 -22.59 -28.86 1.28
C PRO A 226 -21.75 -28.46 0.08
N TRP A 227 -20.71 -27.68 0.27
CA TRP A 227 -20.10 -26.94 -0.79
C TRP A 227 -18.64 -27.35 -0.96
N VAL A 228 -18.05 -27.96 0.06
CA VAL A 228 -16.62 -28.23 -0.06
C VAL A 228 -16.34 -29.73 0.02
N ASP A 229 -15.82 -30.29 -1.06
CA ASP A 229 -15.38 -31.70 -1.07
C ASP A 229 -14.49 -32.02 0.15
N GLN A 230 -14.99 -32.87 1.03
CA GLN A 230 -14.32 -33.11 2.32
C GLN A 230 -13.01 -33.87 2.20
N ASN A 231 -12.70 -34.32 0.97
CA ASN A 231 -11.40 -34.94 0.65
C ASN A 231 -10.34 -33.97 0.09
N SER A 232 -10.73 -32.72 -0.18
CA SER A 232 -9.77 -31.66 -0.57
C SER A 232 -8.74 -31.49 0.54
N PRO A 233 -7.47 -31.16 0.18
CA PRO A 233 -6.50 -30.95 1.25
C PRO A 233 -6.84 -29.71 2.09
N VAL A 234 -6.46 -29.74 3.36
CA VAL A 234 -6.67 -28.62 4.27
C VAL A 234 -5.52 -27.66 4.04
N LEU A 235 -5.84 -26.45 3.58
CA LEU A 235 -4.80 -25.46 3.16
C LEU A 235 -3.78 -25.22 4.25
N LEU A 236 -4.25 -24.95 5.46
CA LEU A 236 -3.37 -24.61 6.56
C LEU A 236 -2.47 -25.76 7.08
N ASP A 237 -2.63 -26.96 6.49
CA ASP A 237 -1.77 -28.11 6.82
C ASP A 237 -0.62 -28.22 5.79
N GLU A 238 -0.60 -27.32 4.80
CA GLU A 238 0.48 -27.26 3.81
C GLU A 238 1.86 -27.11 4.47
N PRO A 239 2.76 -28.10 4.25
CA PRO A 239 4.08 -28.05 4.87
C PRO A 239 4.92 -26.78 4.53
N VAL A 240 4.74 -26.21 3.33
CA VAL A 240 5.45 -24.95 2.97
C VAL A 240 5.02 -23.73 3.81
N LEU A 241 3.74 -23.67 4.18
CA LEU A 241 3.19 -22.60 5.03
C LEU A 241 3.65 -22.76 6.49
N GLY A 242 3.75 -24.00 6.98
CA GLY A 242 4.25 -24.28 8.33
C GLY A 242 5.73 -23.96 8.48
N SER A 243 6.50 -24.31 7.47
CA SER A 243 7.92 -24.04 7.49
C SER A 243 8.23 -22.54 7.35
N MET A 244 7.48 -21.82 6.51
CA MET A 244 7.58 -20.34 6.40
C MET A 244 7.16 -19.59 7.67
N ALA A 245 6.11 -20.11 8.34
CA ALA A 245 5.64 -19.59 9.62
C ALA A 245 6.73 -19.67 10.66
N LYS A 246 7.50 -20.77 10.64
CA LYS A 246 8.63 -20.94 11.57
CA LYS A 246 8.63 -20.97 11.56
C LYS A 246 9.72 -19.93 11.29
N LYS A 247 10.02 -19.71 10.01
CA LYS A 247 11.03 -18.73 9.55
C LYS A 247 10.75 -17.29 10.01
N TYR A 248 9.48 -16.86 9.88
CA TYR A 248 9.05 -15.50 10.25
C TYR A 248 8.57 -15.36 11.69
N ASN A 249 8.58 -16.49 12.42
CA ASN A 249 8.04 -16.55 13.79
C ASN A 249 6.54 -16.15 13.89
N ARG A 250 5.78 -16.52 12.87
CA ARG A 250 4.35 -16.23 12.75
C ARG A 250 3.66 -17.56 12.35
N THR A 251 2.37 -17.55 12.05
CA THR A 251 1.55 -18.78 11.96
C THR A 251 1.27 -19.06 10.49
N PRO A 252 0.91 -20.32 10.13
CA PRO A 252 0.50 -20.60 8.75
C PRO A 252 -0.58 -19.65 8.20
N ALA A 253 -1.63 -19.40 8.99
CA ALA A 253 -2.70 -18.46 8.64
C ALA A 253 -2.20 -17.02 8.37
N LEU A 254 -1.32 -16.54 9.25
CA LEU A 254 -0.69 -15.22 9.04
C LEU A 254 0.14 -15.10 7.76
N ILE A 255 0.85 -16.17 7.38
CA ILE A 255 1.57 -16.26 6.09
C ILE A 255 0.61 -16.13 4.88
N ALA A 256 -0.48 -16.91 4.91
CA ALA A 256 -1.51 -16.88 3.84
C ALA A 256 -2.21 -15.52 3.69
N LEU A 257 -2.45 -14.87 4.83
CA LEU A 257 -3.10 -13.54 4.84
C LEU A 257 -2.19 -12.47 4.22
N ARG A 258 -0.92 -12.47 4.63
CA ARG A 258 0.09 -11.51 4.19
C ARG A 258 0.47 -11.64 2.71
N TYR A 259 0.57 -12.89 2.24
CA TYR A 259 0.82 -13.16 0.82
C TYR A 259 -0.12 -12.39 -0.09
N GLN A 260 -1.42 -12.41 0.23
CA GLN A 260 -2.43 -11.69 -0.54
C GLN A 260 -2.36 -10.16 -0.42
N LEU A 261 -2.15 -9.66 0.79
CA LEU A 261 -2.00 -8.19 0.99
CA LEU A 261 -2.00 -8.19 0.98
C LEU A 261 -0.88 -7.63 0.10
N GLN A 262 0.23 -8.34 -0.09
CA GLN A 262 1.37 -7.81 -0.82
C GLN A 262 1.17 -7.94 -2.32
N ARG A 263 0.05 -8.52 -2.72
CA ARG A 263 -0.30 -8.62 -4.13
C ARG A 263 -1.37 -7.60 -4.51
N GLY A 264 -1.72 -6.74 -3.55
CA GLY A 264 -2.73 -5.72 -3.77
C GLY A 264 -4.13 -6.26 -3.70
N ILE A 265 -4.28 -7.41 -3.05
CA ILE A 265 -5.59 -7.99 -2.83
C ILE A 265 -6.23 -7.54 -1.48
N VAL A 266 -7.54 -7.28 -1.50
CA VAL A 266 -8.32 -7.06 -0.25
C VAL A 266 -8.74 -8.44 0.31
N VAL A 267 -8.44 -8.68 1.58
CA VAL A 267 -8.61 -10.03 2.13
CA VAL A 267 -8.58 -10.01 2.17
C VAL A 267 -9.76 -10.14 3.13
N LEU A 268 -10.60 -11.17 2.93
CA LEU A 268 -11.60 -11.52 3.97
C LEU A 268 -11.09 -12.67 4.85
N ASN A 269 -11.64 -12.75 6.06
CA ASN A 269 -11.38 -13.89 6.94
C ASN A 269 -12.50 -14.06 7.96
N THR A 270 -12.75 -15.31 8.36
CA THR A 270 -13.66 -15.61 9.48
C THR A 270 -13.00 -16.57 10.46
N SER A 271 -13.19 -16.33 11.74
CA SER A 271 -12.90 -17.35 12.76
C SER A 271 -14.01 -17.34 13.80
N LEU A 272 -14.28 -18.51 14.38
CA LEU A 272 -15.15 -18.59 15.54
C LEU A 272 -14.43 -18.27 16.88
N LYS A 273 -13.09 -18.18 16.85
CA LYS A 273 -12.30 -18.07 18.09
C LYS A 273 -11.75 -16.67 18.24
N GLU A 274 -12.01 -16.08 19.40
CA GLU A 274 -11.59 -14.73 19.74
C GLU A 274 -10.09 -14.51 19.61
N GLU A 275 -9.31 -15.50 20.05
CA GLU A 275 -7.86 -15.38 19.99
C GLU A 275 -7.31 -15.42 18.56
N ARG A 276 -7.97 -16.16 17.69
CA ARG A 276 -7.60 -16.19 16.27
C ARG A 276 -8.00 -14.90 15.58
N ILE A 277 -9.03 -14.25 16.10
CA ILE A 277 -9.53 -13.00 15.52
C ILE A 277 -8.58 -11.85 15.79
N LYS A 278 -8.04 -11.80 17.00
CA LYS A 278 -7.00 -10.85 17.35
C LYS A 278 -5.70 -11.17 16.61
N GLU A 279 -5.35 -12.46 16.56
CA GLU A 279 -4.14 -12.90 15.86
C GLU A 279 -4.08 -12.45 14.41
N ASN A 280 -5.21 -12.50 13.72
CA ASN A 280 -5.24 -12.12 12.31
C ASN A 280 -4.94 -10.64 12.05
N MET A 281 -5.15 -9.79 13.06
CA MET A 281 -4.77 -8.38 12.97
C MET A 281 -3.27 -8.13 12.90
N GLN A 282 -2.49 -9.14 13.28
CA GLN A 282 -1.02 -9.11 13.23
C GLN A 282 -0.52 -9.17 11.81
N VAL A 283 -1.41 -9.24 10.82
CA VAL A 283 -1.01 -9.23 9.43
C VAL A 283 -0.31 -7.94 8.97
N PHE A 284 -0.57 -6.82 9.64
CA PHE A 284 0.08 -5.54 9.33
C PHE A 284 1.50 -5.39 9.94
N GLU A 285 1.98 -6.41 10.64
CA GLU A 285 3.18 -6.33 11.48
C GLU A 285 4.50 -6.81 10.83
N PHE A 286 4.42 -7.58 9.75
CA PHE A 286 5.61 -8.16 9.13
C PHE A 286 5.54 -8.14 7.59
N GLN A 287 6.71 -8.28 6.98
CA GLN A 287 6.84 -8.35 5.54
C GLN A 287 7.43 -9.71 5.11
N LEU A 288 6.77 -10.34 4.14
CA LEU A 288 7.34 -11.47 3.42
C LEU A 288 8.29 -10.97 2.30
N SER A 289 9.49 -11.56 2.24
CA SER A 289 10.48 -11.23 1.20
C SER A 289 10.01 -11.55 -0.21
N SER A 290 10.64 -10.90 -1.19
CA SER A 290 10.35 -11.09 -2.61
CA SER A 290 10.37 -11.09 -2.61
C SER A 290 10.50 -12.55 -3.08
N GLU A 291 11.45 -13.29 -2.50
CA GLU A 291 11.73 -14.68 -2.87
C GLU A 291 10.80 -15.66 -2.14
N ASP A 292 10.40 -15.31 -0.92
CA ASP A 292 9.38 -16.11 -0.23
C ASP A 292 8.03 -15.98 -0.91
N MET A 293 7.79 -14.81 -1.49
CA MET A 293 6.56 -14.53 -2.25
C MET A 293 6.50 -15.45 -3.47
N LYS A 294 7.64 -15.54 -4.16
CA LYS A 294 7.81 -16.45 -5.29
C LYS A 294 7.66 -17.93 -4.92
N VAL A 295 8.08 -18.30 -3.71
CA VAL A 295 7.98 -19.66 -3.19
C VAL A 295 6.49 -20.02 -2.97
N LEU A 296 5.70 -19.02 -2.58
CA LEU A 296 4.26 -19.18 -2.37
C LEU A 296 3.47 -19.21 -3.67
N ASP A 297 3.91 -18.40 -4.64
CA ASP A 297 3.43 -18.49 -6.02
C ASP A 297 3.55 -19.93 -6.56
N GLY A 298 4.46 -20.70 -6.02
CA GLY A 298 4.73 -22.03 -6.50
C GLY A 298 3.77 -23.06 -5.99
N LEU A 299 2.97 -22.71 -5.00
CA LEU A 299 1.96 -23.63 -4.54
C LEU A 299 0.75 -23.78 -5.42
N ASN A 300 0.64 -22.94 -6.42
CA ASN A 300 -0.55 -22.91 -7.24
C ASN A 300 -0.93 -24.18 -7.99
N ARG A 301 -2.02 -24.80 -7.58
CA ARG A 301 -2.45 -26.05 -8.15
C ARG A 301 -3.87 -26.16 -8.65
N ASN A 302 -4.51 -25.04 -8.89
CA ASN A 302 -5.85 -25.04 -9.38
C ASN A 302 -6.78 -25.82 -8.52
N MET A 303 -6.62 -25.69 -7.21
CA MET A 303 -7.53 -26.29 -6.23
C MET A 303 -8.64 -25.28 -5.90
N ARG A 304 -9.81 -25.50 -6.49
CA ARG A 304 -11.01 -24.69 -6.19
C ARG A 304 -11.91 -25.36 -5.13
N TYR A 305 -11.88 -24.81 -3.91
CA TYR A 305 -12.68 -25.33 -2.81
C TYR A 305 -14.17 -25.12 -2.99
N ILE A 306 -14.53 -24.01 -3.65
CA ILE A 306 -15.93 -23.65 -3.86
C ILE A 306 -16.29 -23.47 -5.37
N PRO A 307 -16.43 -24.61 -6.10
CA PRO A 307 -16.76 -24.52 -7.51
C PRO A 307 -18.28 -24.33 -7.75
N ALA A 308 -19.05 -24.32 -6.67
CA ALA A 308 -20.50 -24.14 -6.75
C ALA A 308 -21.10 -25.20 -7.73
N ALA A 309 -20.79 -26.47 -7.41
CA ALA A 309 -21.10 -27.63 -8.27
C ALA A 309 -22.59 -27.74 -8.62
N ILE A 310 -23.47 -27.50 -7.66
CA ILE A 310 -24.91 -27.53 -7.88
C ILE A 310 -25.42 -26.57 -8.99
N PHE A 311 -24.61 -25.55 -9.32
CA PHE A 311 -24.89 -24.59 -10.40
C PHE A 311 -24.25 -25.05 -11.72
N LYS A 312 -23.52 -26.17 -11.70
CA LYS A 312 -22.69 -26.59 -12.84
C LYS A 312 -23.41 -26.65 -14.21
N GLY A 313 -24.71 -26.92 -14.20
CA GLY A 313 -25.47 -26.92 -15.45
C GLY A 313 -25.89 -25.57 -16.03
N HIS A 314 -25.65 -24.48 -15.28
CA HIS A 314 -26.07 -23.12 -15.67
C HIS A 314 -25.27 -22.60 -16.87
N PRO A 315 -25.95 -21.94 -17.82
CA PRO A 315 -25.26 -21.33 -18.96
C PRO A 315 -24.17 -20.29 -18.55
N ASN A 316 -24.44 -19.56 -17.47
CA ASN A 316 -23.53 -18.51 -16.97
C ASN A 316 -22.57 -18.98 -15.88
N TRP A 317 -22.45 -20.30 -15.69
CA TRP A 317 -21.47 -20.86 -14.75
C TRP A 317 -20.04 -20.35 -15.04
N PRO A 318 -19.43 -19.65 -14.03
CA PRO A 318 -18.22 -18.85 -14.32
C PRO A 318 -16.92 -19.63 -14.38
N PHE A 319 -16.95 -20.89 -13.95
CA PHE A 319 -15.71 -21.61 -13.67
C PHE A 319 -15.22 -22.58 -14.75
N LEU A 320 -15.89 -22.58 -15.90
CA LEU A 320 -15.50 -23.38 -17.08
C LEU A 320 -14.37 -22.70 -17.86
N ASP A 321 -14.52 -21.40 -18.14
CA ASP A 321 -13.47 -20.59 -18.80
C ASP A 321 -12.17 -20.64 -18.01
N GLU A 322 -11.06 -20.44 -18.70
CA GLU A 322 -9.73 -20.57 -18.10
C GLU A 322 -9.58 -19.56 -16.94
N TYR A 323 -10.00 -18.32 -17.21
CA TYR A 323 -10.20 -17.31 -16.18
C TYR A 323 -11.28 -16.32 -16.60
N MET B 1 7.57 2.95 16.15
CA MET B 1 6.51 3.38 15.19
C MET B 1 5.38 2.35 15.16
N ASN B 2 4.14 2.80 15.38
CA ASN B 2 2.99 1.89 15.25
C ASN B 2 2.69 1.57 13.79
N SER B 3 2.26 0.33 13.54
CA SER B 3 1.97 -0.15 12.18
C SER B 3 0.81 0.60 11.49
N LYS B 4 0.00 1.30 12.26
CA LYS B 4 -1.20 1.93 11.73
C LYS B 4 -0.85 2.99 10.68
N CYS B 5 0.40 3.44 10.70
CA CYS B 5 0.82 4.62 9.93
C CYS B 5 0.64 4.32 8.42
N HIS B 6 0.65 5.40 7.62
CA HIS B 6 0.89 5.16 6.19
C HIS B 6 2.30 4.80 5.90
N CYS B 7 2.64 3.55 6.05
CA CYS B 7 4.01 3.06 6.10
C CYS B 7 4.23 1.93 5.10
N VAL B 8 5.49 1.70 4.74
CA VAL B 8 5.92 0.39 4.24
C VAL B 8 6.94 -0.25 5.16
N ILE B 9 7.10 -1.56 5.05
CA ILE B 9 7.96 -2.31 5.96
C ILE B 9 9.32 -2.58 5.32
N LEU B 10 10.39 -2.21 6.02
CA LEU B 10 11.76 -2.36 5.54
C LEU B 10 12.21 -3.81 5.74
N ASN B 11 13.26 -4.19 5.03
CA ASN B 11 13.79 -5.57 5.09
C ASN B 11 14.38 -6.00 6.45
N ASP B 12 14.54 -5.04 7.36
CA ASP B 12 14.91 -5.33 8.75
C ASP B 12 13.75 -5.28 9.76
N GLY B 13 12.52 -5.13 9.26
CA GLY B 13 11.33 -5.18 10.12
C GLY B 13 10.74 -3.84 10.49
N ASN B 14 11.51 -2.76 10.29
CA ASN B 14 11.10 -1.42 10.70
C ASN B 14 10.17 -0.72 9.73
N PHE B 15 9.27 0.11 10.25
CA PHE B 15 8.32 0.84 9.41
C PHE B 15 8.89 2.19 9.00
N ILE B 16 8.68 2.57 7.74
CA ILE B 16 8.96 3.93 7.29
C ILE B 16 7.73 4.55 6.63
N PRO B 17 7.46 5.81 6.96
CA PRO B 17 6.33 6.53 6.38
C PRO B 17 6.60 6.93 4.93
N VAL B 18 5.59 6.81 4.08
CA VAL B 18 5.80 6.85 2.63
C VAL B 18 5.90 8.29 2.13
N LEU B 19 5.54 9.23 2.99
CA LEU B 19 5.72 10.63 2.70
C LEU B 19 6.64 11.25 3.78
N GLY B 20 7.73 11.86 3.32
CA GLY B 20 8.73 12.51 4.15
C GLY B 20 8.89 13.98 3.76
N PHE B 21 9.10 14.84 4.76
CA PHE B 21 9.46 16.25 4.53
C PHE B 21 10.99 16.43 4.51
N GLY B 22 11.50 17.08 3.46
CA GLY B 22 12.96 17.17 3.31
C GLY B 22 13.42 18.48 3.90
N THR B 23 14.59 18.44 4.53
CA THR B 23 15.11 19.58 5.29
C THR B 23 16.39 20.22 4.67
N ALA B 24 16.66 19.93 3.40
CA ALA B 24 17.59 20.76 2.63
C ALA B 24 16.87 22.07 2.23
N LEU B 25 17.53 23.20 2.47
CA LEU B 25 16.95 24.52 2.22
CA LEU B 25 16.96 24.52 2.22
C LEU B 25 17.62 25.32 1.10
N PRO B 26 16.81 26.09 0.36
CA PRO B 26 17.33 27.08 -0.58
C PRO B 26 18.51 27.85 0.01
N LEU B 27 19.56 28.05 -0.79
CA LEU B 27 20.88 28.39 -0.26
C LEU B 27 20.87 29.77 0.37
N GLU B 28 19.86 30.57 0.04
CA GLU B 28 19.76 31.94 0.53
C GLU B 28 19.06 31.98 1.88
N CYS B 29 18.47 30.86 2.28
CA CYS B 29 17.84 30.74 3.59
C CYS B 29 18.89 30.54 4.69
N PRO B 30 18.67 31.17 5.83
CA PRO B 30 19.29 30.73 7.08
C PRO B 30 18.90 29.30 7.45
N LYS B 31 19.85 28.53 7.95
CA LYS B 31 19.60 27.15 8.36
C LYS B 31 18.48 27.10 9.39
N SER B 32 18.31 28.19 10.14
CA SER B 32 17.34 28.24 11.23
C SER B 32 15.91 28.19 10.70
N LYS B 33 15.76 28.41 9.40
CA LYS B 33 14.46 28.32 8.74
C LYS B 33 13.92 26.90 8.80
N ALA B 34 14.83 25.92 8.90
CA ALA B 34 14.43 24.50 9.02
C ALA B 34 13.56 24.22 10.27
N LYS B 35 13.78 24.96 11.35
CA LYS B 35 13.00 24.80 12.57
C LYS B 35 11.51 25.17 12.36
N GLU B 36 11.28 26.36 11.80
CA GLU B 36 9.94 26.86 11.46
C GLU B 36 9.19 25.88 10.55
N LEU B 37 9.86 25.43 9.50
CA LEU B 37 9.26 24.54 8.54
C LEU B 37 8.96 23.16 9.12
N THR B 38 9.85 22.64 9.97
CA THR B 38 9.64 21.35 10.61
C THR B 38 8.41 21.33 11.52
N LYS B 39 8.22 22.40 12.29
CA LYS B 39 7.05 22.60 13.14
C LYS B 39 5.73 22.65 12.37
N ILE B 40 5.71 23.40 11.28
CA ILE B 40 4.59 23.45 10.34
C ILE B 40 4.32 22.08 9.71
N ALA B 41 5.37 21.42 9.22
CA ALA B 41 5.20 20.12 8.61
C ALA B 41 4.62 19.10 9.62
N ILE B 42 5.15 19.06 10.85
CA ILE B 42 4.59 18.19 11.91
C ILE B 42 3.08 18.50 12.18
N ASP B 43 2.70 19.77 12.26
CA ASP B 43 1.31 20.18 12.46
C ASP B 43 0.41 19.73 11.30
N ALA B 44 0.98 19.74 10.08
CA ALA B 44 0.29 19.25 8.89
C ALA B 44 0.21 17.71 8.77
N GLY B 45 0.86 16.97 9.67
CA GLY B 45 0.76 15.49 9.67
C GLY B 45 1.98 14.70 9.20
N PHE B 46 3.08 15.40 8.90
CA PHE B 46 4.35 14.72 8.55
C PHE B 46 5.03 14.15 9.79
N HIS B 47 5.45 12.90 9.70
CA HIS B 47 6.21 12.29 10.77
CA HIS B 47 6.13 12.16 10.75
C HIS B 47 7.52 11.64 10.31
N HIS B 48 7.89 11.87 9.04
CA HIS B 48 9.17 11.40 8.41
C HIS B 48 9.89 12.66 7.92
N PHE B 49 11.12 12.85 8.42
CA PHE B 49 11.97 13.99 8.09
C PHE B 49 13.30 13.46 7.56
N ASP B 50 13.66 13.96 6.38
CA ASP B 50 14.89 13.56 5.73
C ASP B 50 15.93 14.67 5.91
N SER B 51 17.09 14.32 6.46
CA SER B 51 18.16 15.28 6.64
C SER B 51 19.50 14.57 6.40
N ALA B 52 20.59 15.30 6.58
CA ALA B 52 21.97 14.87 6.21
C ALA B 52 22.95 15.75 6.97
N SER B 53 24.11 15.21 7.33
CA SER B 53 25.13 16.03 7.99
C SER B 53 25.45 17.28 7.15
N VAL B 54 25.47 17.14 5.83
CA VAL B 54 25.88 18.21 4.90
C VAL B 54 24.84 19.36 4.78
N TYR B 55 23.57 19.10 5.15
CA TYR B 55 22.51 20.12 5.08
C TYR B 55 22.70 21.22 6.12
N ASN B 56 23.33 20.88 7.25
CA ASN B 56 23.54 21.80 8.38
C ASN B 56 22.25 22.33 8.97
N THR B 57 21.22 21.50 8.91
CA THR B 57 19.91 21.87 9.43
C THR B 57 19.49 20.92 10.53
N GLU B 58 20.32 19.94 10.87
CA GLU B 58 19.94 18.86 11.77
C GLU B 58 19.57 19.40 13.14
N ASP B 59 20.32 20.39 13.62
CA ASP B 59 20.14 20.91 14.96
C ASP B 59 18.85 21.72 15.07
N HIS B 60 18.46 22.36 13.98
CA HIS B 60 17.21 23.11 13.94
C HIS B 60 16.01 22.19 13.83
N VAL B 61 16.16 21.13 13.04
CA VAL B 61 15.10 20.15 12.87
C VAL B 61 14.85 19.37 14.17
N GLY B 62 15.93 19.04 14.87
CA GLY B 62 15.83 18.33 16.13
C GLY B 62 15.18 19.17 17.21
N GLU B 63 15.53 20.46 17.25
CA GLU B 63 14.90 21.41 18.16
C GLU B 63 13.37 21.53 17.90
N ALA B 64 13.00 21.61 16.62
CA ALA B 64 11.58 21.60 16.21
C ALA B 64 10.87 20.33 16.67
N ILE B 65 11.52 19.17 16.48
CA ILE B 65 10.94 17.89 16.88
C ILE B 65 10.78 17.81 18.42
N ARG B 66 11.80 18.28 19.14
CA ARG B 66 11.74 18.30 20.61
C ARG B 66 10.63 19.21 21.15
N SER B 67 10.34 20.33 20.46
CA SER B 67 9.26 21.24 20.88
CA SER B 67 9.26 21.26 20.83
C SER B 67 7.89 20.61 20.66
N LYS B 68 7.76 19.83 19.61
CA LYS B 68 6.51 19.11 19.35
C LYS B 68 6.31 17.86 20.21
N ILE B 69 7.41 17.31 20.76
CA ILE B 69 7.29 16.31 21.81
C ILE B 69 6.90 17.01 23.14
N ALA B 70 7.58 18.08 23.47
CA ALA B 70 7.32 18.80 24.73
C ALA B 70 5.88 19.33 24.88
N ASP B 71 5.26 19.76 23.79
CA ASP B 71 3.88 20.20 23.84
C ASP B 71 2.86 19.08 23.57
N GLY B 72 3.31 17.82 23.49
CA GLY B 72 2.37 16.70 23.37
C GLY B 72 1.84 16.38 21.98
N THR B 73 2.38 17.02 20.94
CA THR B 73 1.89 16.78 19.57
C THR B 73 2.32 15.40 19.08
N VAL B 74 3.60 15.09 19.26
CA VAL B 74 4.22 13.81 18.85
C VAL B 74 5.05 13.12 19.93
N ARG B 75 5.36 11.85 19.70
CA ARG B 75 6.35 11.14 20.50
C ARG B 75 7.55 10.85 19.60
N ARG B 76 8.74 10.75 20.20
CA ARG B 76 9.96 10.32 19.47
C ARG B 76 9.72 9.05 18.63
N GLU B 77 9.03 8.07 19.21
CA GLU B 77 8.81 6.75 18.56
C GLU B 77 7.95 6.84 17.31
N ASP B 78 7.19 7.91 17.19
CA ASP B 78 6.37 8.12 16.02
C ASP B 78 6.99 9.03 14.98
N ILE B 79 8.18 9.57 15.26
CA ILE B 79 8.95 10.32 14.27
CA ILE B 79 8.91 10.29 14.23
C ILE B 79 9.99 9.39 13.62
N PHE B 80 10.09 9.43 12.31
CA PHE B 80 11.12 8.73 11.55
C PHE B 80 12.12 9.79 11.05
N TYR B 81 13.31 9.84 11.64
CA TYR B 81 14.35 10.81 11.24
C TYR B 81 15.55 10.16 10.49
N THR B 82 15.86 10.68 9.30
CA THR B 82 16.95 10.16 8.48
C THR B 82 18.11 11.11 8.48
N SER B 83 19.32 10.57 8.71
CA SER B 83 20.54 11.32 8.45
C SER B 83 21.40 10.61 7.40
N LYS B 84 22.46 11.28 6.97
CA LYS B 84 23.40 10.70 6.01
C LYS B 84 24.84 11.07 6.35
N VAL B 85 25.72 10.08 6.33
CA VAL B 85 27.15 10.32 6.42
C VAL B 85 27.72 10.78 5.08
N TRP B 86 28.62 11.75 5.14
CA TRP B 86 28.98 12.54 3.96
C TRP B 86 30.25 12.03 3.32
N CYS B 87 30.46 12.40 2.05
CA CYS B 87 31.67 11.99 1.32
C CYS B 87 33.00 12.03 2.08
N THR B 88 33.16 13.04 2.96
CA THR B 88 34.35 13.22 3.76
C THR B 88 34.51 12.30 5.00
N SER B 89 33.49 11.49 5.31
CA SER B 89 33.56 10.56 6.44
C SER B 89 33.23 9.12 6.07
N LEU B 90 33.40 8.79 4.79
CA LEU B 90 33.19 7.42 4.34
C LEU B 90 34.24 6.42 4.84
N HIS B 91 35.43 6.89 5.21
CA HIS B 91 36.45 6.00 5.74
C HIS B 91 35.91 5.35 6.98
N PRO B 92 36.04 4.01 7.11
CA PRO B 92 35.33 3.28 8.18
C PRO B 92 35.54 3.85 9.58
N GLU B 93 36.75 4.31 9.89
CA GLU B 93 37.03 4.86 11.21
C GLU B 93 36.43 6.24 11.42
N LEU B 94 35.79 6.80 10.38
CA LEU B 94 35.21 8.13 10.46
C LEU B 94 33.67 8.16 10.50
N VAL B 95 33.05 7.03 10.16
CA VAL B 95 31.60 6.91 9.99
C VAL B 95 30.83 7.13 11.30
N ARG B 96 31.23 6.39 12.35
CA ARG B 96 30.57 6.44 13.64
C ARG B 96 30.76 7.80 14.31
N ALA B 97 31.94 8.42 14.11
CA ALA B 97 32.20 9.75 14.67
C ALA B 97 31.23 10.81 14.12
N SER B 98 30.96 10.73 12.82
CA SER B 98 30.02 11.62 12.12
C SER B 98 28.59 11.41 12.66
N LEU B 99 28.16 10.15 12.83
CA LEU B 99 26.82 9.84 13.38
C LEU B 99 26.66 10.36 14.80
N GLU B 100 27.65 10.09 15.64
CA GLU B 100 27.66 10.58 17.01
C GLU B 100 27.65 12.12 17.09
N ARG B 101 28.30 12.79 16.15
CA ARG B 101 28.24 14.25 16.06
C ARG B 101 26.82 14.77 15.69
N SER B 102 26.18 14.12 14.72
CA SER B 102 24.80 14.42 14.33
C SER B 102 23.85 14.24 15.52
N LEU B 103 23.97 13.12 16.22
CA LEU B 103 23.15 12.82 17.43
C LEU B 103 23.33 13.87 18.54
N GLN B 104 24.58 14.28 18.76
CA GLN B 104 24.87 15.49 19.56
C GLN B 104 24.16 16.79 19.10
N LYS B 105 24.26 17.15 17.81
CA LYS B 105 23.49 18.29 17.26
C LYS B 105 21.96 18.18 17.49
N LEU B 106 21.42 16.98 17.26
CA LEU B 106 19.98 16.70 17.36
C LEU B 106 19.47 16.58 18.78
N GLN B 107 20.39 16.33 19.72
CA GLN B 107 20.08 15.85 21.09
C GLN B 107 19.12 14.64 21.06
N PHE B 108 19.43 13.69 20.19
CA PHE B 108 18.71 12.40 20.01
C PHE B 108 19.60 11.27 20.53
N ASP B 109 19.00 10.12 20.84
CA ASP B 109 19.78 8.94 21.22
C ASP B 109 20.08 8.07 20.00
N TYR B 110 19.22 8.15 19.01
CA TYR B 110 19.35 7.34 17.82
C TYR B 110 18.78 8.10 16.62
N VAL B 111 19.18 7.72 15.41
CA VAL B 111 18.44 8.11 14.19
C VAL B 111 17.67 6.84 13.76
N ASP B 112 16.61 7.02 12.98
CA ASP B 112 15.89 5.88 12.46
C ASP B 112 16.56 5.28 11.25
N LEU B 113 17.19 6.11 10.43
CA LEU B 113 17.82 5.69 9.20
C LEU B 113 19.11 6.49 8.95
N TYR B 114 20.16 5.80 8.49
CA TYR B 114 21.44 6.41 8.23
C TYR B 114 21.93 5.90 6.89
N LEU B 115 22.20 6.85 5.98
CA LEU B 115 22.54 6.51 4.58
C LEU B 115 23.98 6.92 4.26
N ILE B 116 24.60 6.17 3.35
CA ILE B 116 25.74 6.66 2.58
C ILE B 116 25.21 7.65 1.54
N HIS B 117 25.62 8.93 1.67
CA HIS B 117 25.02 10.01 0.87
C HIS B 117 25.37 9.93 -0.63
N TYR B 118 26.62 9.57 -0.91
CA TYR B 118 27.10 9.26 -2.26
C TYR B 118 28.17 8.19 -2.13
N PRO B 119 28.33 7.35 -3.19
CA PRO B 119 29.38 6.34 -3.24
C PRO B 119 30.82 6.88 -3.45
N MET B 120 30.96 8.21 -3.42
CA MET B 120 32.24 8.88 -3.64
C MET B 120 32.84 9.53 -2.39
N ALA B 121 34.10 9.20 -2.08
CA ALA B 121 34.82 9.86 -0.96
C ALA B 121 35.58 11.13 -1.40
N LEU B 122 35.66 12.08 -0.49
CA LEU B 122 36.44 13.30 -0.64
C LEU B 122 37.43 13.37 0.50
N LYS B 123 38.41 14.26 0.35
CA LYS B 123 39.39 14.52 1.39
C LYS B 123 38.77 14.80 2.78
N PRO B 124 39.11 13.97 3.79
CA PRO B 124 38.62 14.18 5.15
C PRO B 124 39.03 15.53 5.72
N GLY B 125 38.14 16.08 6.55
CA GLY B 125 38.28 17.37 7.17
C GLY B 125 36.91 17.98 7.35
N GLU B 126 36.88 19.11 8.05
CA GLU B 126 35.67 19.88 8.37
C GLU B 126 34.93 20.39 7.15
N GLU B 127 35.70 20.85 6.17
CA GLU B 127 35.17 21.42 4.94
C GLU B 127 34.53 20.27 4.16
N ASN B 128 33.28 20.48 3.75
CA ASN B 128 32.49 19.46 3.04
C ASN B 128 32.79 19.38 1.55
N PHE B 129 33.26 20.50 1.01
CA PHE B 129 33.61 20.61 -0.40
C PHE B 129 35.10 21.03 -0.55
N PRO B 130 36.06 20.16 -0.13
CA PRO B 130 37.49 20.51 -0.28
C PRO B 130 37.83 20.65 -1.76
N VAL B 131 38.29 21.83 -2.18
CA VAL B 131 38.70 22.01 -3.58
C VAL B 131 40.20 22.34 -3.70
N ASP B 132 40.75 22.15 -4.89
CA ASP B 132 42.10 22.64 -5.18
C ASP B 132 42.07 24.09 -5.67
N GLU B 133 43.25 24.62 -6.02
CA GLU B 133 43.36 26.02 -6.47
C GLU B 133 42.71 26.28 -7.83
N HIS B 134 42.39 25.23 -8.57
CA HIS B 134 41.61 25.37 -9.80
C HIS B 134 40.08 25.36 -9.56
N GLY B 135 39.66 25.14 -8.30
CA GLY B 135 38.25 24.97 -7.95
C GLY B 135 37.66 23.59 -8.23
N LYS B 136 38.52 22.58 -8.37
CA LYS B 136 38.08 21.19 -8.53
C LYS B 136 38.12 20.44 -7.19
N LEU B 137 37.13 19.55 -6.99
CA LEU B 137 37.02 18.80 -5.74
C LEU B 137 38.21 17.88 -5.59
N ILE B 138 38.66 17.74 -4.35
CA ILE B 138 39.73 16.79 -3.99
C ILE B 138 39.13 15.42 -3.63
N PHE B 139 39.18 14.51 -4.59
CA PHE B 139 38.67 13.15 -4.43
C PHE B 139 39.56 12.33 -3.48
N ASP B 140 38.99 11.27 -2.91
CA ASP B 140 39.71 10.34 -2.10
C ASP B 140 39.26 8.94 -2.49
N ARG B 141 40.02 7.95 -2.05
CA ARG B 141 39.78 6.57 -2.36
C ARG B 141 39.13 5.89 -1.14
N VAL B 142 38.08 5.12 -1.36
CA VAL B 142 37.46 4.36 -0.26
C VAL B 142 37.03 2.95 -0.67
N ASP B 143 37.13 2.02 0.28
CA ASP B 143 36.51 0.69 0.19
C ASP B 143 35.07 0.78 0.76
N LEU B 144 34.10 0.75 -0.14
CA LEU B 144 32.68 0.90 0.19
C LEU B 144 32.11 -0.28 0.95
N CYS B 145 32.69 -1.47 0.76
CA CYS B 145 32.32 -2.64 1.55
C CYS B 145 32.78 -2.47 2.98
N ALA B 146 33.83 -1.69 3.18
CA ALA B 146 34.33 -1.40 4.52
C ALA B 146 33.62 -0.18 5.19
N THR B 147 33.25 0.83 4.41
CA THR B 147 32.27 1.83 4.85
C THR B 147 31.00 1.06 5.35
N TRP B 148 30.55 0.07 4.58
CA TRP B 148 29.30 -0.65 4.91
C TRP B 148 29.33 -1.43 6.22
N GLU B 149 30.46 -2.10 6.51
CA GLU B 149 30.68 -2.80 7.78
C GLU B 149 30.61 -1.84 8.97
N ALA B 150 31.10 -0.62 8.78
CA ALA B 150 31.00 0.41 9.82
C ALA B 150 29.54 0.88 10.02
N MET B 151 28.79 0.97 8.92
CA MET B 151 27.36 1.29 8.99
C MET B 151 26.63 0.21 9.78
N GLU B 152 26.99 -1.05 9.53
CA GLU B 152 26.49 -2.22 10.25
C GLU B 152 26.76 -2.20 11.74
N LYS B 153 27.95 -1.74 12.12
CA LYS B 153 28.31 -1.60 13.53
C LYS B 153 27.56 -0.44 14.20
N CYS B 154 27.19 0.59 13.44
CA CYS B 154 26.35 1.69 13.96
C CYS B 154 24.95 1.15 14.31
N LYS B 155 24.42 0.26 13.48
CA LYS B 155 23.17 -0.43 13.75
C LYS B 155 23.25 -1.37 14.95
N ASP B 156 24.31 -2.16 15.06
CA ASP B 156 24.48 -3.06 16.22
C ASP B 156 24.69 -2.33 17.53
N ALA B 157 25.23 -1.12 17.46
CA ALA B 157 25.44 -0.27 18.62
C ALA B 157 24.17 0.49 19.03
N GLY B 158 23.14 0.44 18.19
CA GLY B 158 21.84 1.04 18.55
C GLY B 158 21.78 2.52 18.22
N LEU B 159 22.77 3.00 17.49
CA LEU B 159 22.85 4.42 17.10
C LEU B 159 21.93 4.77 15.93
N THR B 160 21.62 3.76 15.13
CA THR B 160 20.67 3.86 14.05
C THR B 160 19.79 2.61 14.03
N LYS B 161 18.50 2.78 13.79
CA LYS B 161 17.60 1.65 13.65
C LYS B 161 17.84 0.90 12.36
N SER B 162 18.13 1.63 11.29
CA SER B 162 18.29 1.04 9.97
C SER B 162 19.46 1.67 9.22
N ILE B 163 19.89 1.01 8.15
CA ILE B 163 20.91 1.57 7.27
C ILE B 163 20.53 1.37 5.80
N GLY B 164 20.80 2.38 4.98
CA GLY B 164 20.69 2.25 3.54
C GLY B 164 21.70 3.11 2.80
N VAL B 165 21.40 3.41 1.54
CA VAL B 165 22.33 4.14 0.69
C VAL B 165 21.60 5.19 -0.14
N SER B 166 22.37 6.06 -0.79
CA SER B 166 21.80 7.06 -1.68
C SER B 166 22.68 7.27 -2.91
N ASN B 167 22.04 7.51 -4.05
CA ASN B 167 22.76 7.76 -5.30
C ASN B 167 23.69 6.61 -5.67
N PHE B 168 23.25 5.39 -5.40
CA PHE B 168 23.94 4.19 -5.89
C PHE B 168 23.32 3.67 -7.19
N ASN B 169 24.18 3.16 -8.07
CA ASN B 169 23.69 2.49 -9.29
C ASN B 169 23.60 0.98 -9.04
N TYR B 170 23.02 0.26 -10.01
CA TYR B 170 22.91 -1.20 -9.99
C TYR B 170 24.22 -1.91 -9.52
N ARG B 171 25.34 -1.60 -10.17
N ARG B 171 25.34 -1.63 -10.18
CA ARG B 171 26.62 -2.24 -9.86
CA ARG B 171 26.63 -2.26 -9.84
C ARG B 171 27.16 -1.92 -8.46
C ARG B 171 27.11 -1.95 -8.42
N GLN B 172 26.93 -0.70 -7.98
CA GLN B 172 27.32 -0.33 -6.61
C GLN B 172 26.48 -1.02 -5.54
N LEU B 173 25.18 -1.18 -5.80
CA LEU B 173 24.29 -1.92 -4.88
C LEU B 173 24.70 -3.38 -4.81
N GLU B 174 25.03 -3.97 -5.95
CA GLU B 174 25.42 -5.37 -6.01
C GLU B 174 26.71 -5.62 -5.22
N MET B 175 27.64 -4.68 -5.32
CA MET B 175 28.86 -4.73 -4.52
C MET B 175 28.56 -5.07 -3.07
N ILE B 176 27.57 -4.39 -2.49
CA ILE B 176 27.21 -4.59 -1.10
C ILE B 176 26.55 -5.94 -0.88
N LEU B 177 25.61 -6.28 -1.76
CA LEU B 177 24.79 -7.47 -1.57
C LEU B 177 25.61 -8.74 -1.71
N ASN B 178 26.62 -8.71 -2.58
CA ASN B 178 27.54 -9.84 -2.74
C ASN B 178 28.78 -9.78 -1.82
N LYS B 179 28.82 -8.82 -0.91
CA LYS B 179 29.98 -8.68 -0.01
C LYS B 179 30.09 -9.86 0.91
N PRO B 180 31.29 -10.49 0.97
CA PRO B 180 31.47 -11.64 1.87
C PRO B 180 31.28 -11.27 3.35
N GLY B 181 30.53 -12.10 4.06
CA GLY B 181 30.22 -11.85 5.47
C GLY B 181 29.21 -10.73 5.72
N LEU B 182 28.49 -10.33 4.66
CA LEU B 182 27.40 -9.33 4.75
C LEU B 182 26.40 -9.66 5.87
N LYS B 183 26.20 -8.70 6.78
CA LYS B 183 25.28 -8.87 7.92
C LYS B 183 23.84 -8.29 7.69
N TYR B 184 23.76 -7.07 7.13
CA TYR B 184 22.48 -6.42 6.84
C TYR B 184 22.50 -5.83 5.44
N LYS B 185 21.51 -6.19 4.62
CA LYS B 185 21.28 -5.51 3.34
C LYS B 185 20.98 -4.00 3.52
N PRO B 186 21.29 -3.14 2.52
CA PRO B 186 20.69 -1.79 2.64
C PRO B 186 19.17 -1.84 2.62
N VAL B 187 18.52 -1.00 3.44
CA VAL B 187 17.03 -0.94 3.45
C VAL B 187 16.45 -0.18 2.29
N CYS B 188 17.25 0.69 1.68
CA CYS B 188 16.75 1.65 0.68
C CYS B 188 17.87 2.18 -0.20
N ASN B 189 17.49 2.69 -1.37
CA ASN B 189 18.38 3.51 -2.18
C ASN B 189 17.62 4.81 -2.46
N GLN B 190 18.12 5.91 -1.92
CA GLN B 190 17.52 7.22 -2.15
C GLN B 190 18.10 7.87 -3.40
N VAL B 191 17.24 8.15 -4.38
CA VAL B 191 17.69 8.70 -5.65
C VAL B 191 16.68 9.69 -6.21
N GLU B 192 17.12 10.49 -7.18
CA GLU B 192 16.21 11.36 -7.92
C GLU B 192 15.22 10.55 -8.74
N CYS B 193 13.96 10.97 -8.72
CA CYS B 193 12.90 10.25 -9.40
C CYS B 193 11.66 11.11 -9.54
N HIS B 194 11.21 11.28 -10.80
CA HIS B 194 10.08 12.10 -11.16
C HIS B 194 9.67 11.63 -12.57
N PRO B 195 8.56 12.15 -13.12
CA PRO B 195 8.15 11.63 -14.45
C PRO B 195 9.10 11.86 -15.64
N TYR B 196 10.01 12.86 -15.55
CA TYR B 196 11.02 13.06 -16.60
C TYR B 196 12.20 12.12 -16.44
N LEU B 197 12.29 11.46 -15.27
CA LEU B 197 13.34 10.49 -14.95
C LEU B 197 12.75 9.44 -13.99
N ASN B 198 12.01 8.50 -14.57
CA ASN B 198 11.16 7.61 -13.78
C ASN B 198 11.82 6.36 -13.19
N GLN B 199 13.10 6.14 -13.49
CA GLN B 199 13.94 5.12 -12.85
C GLN B 199 13.39 3.66 -12.91
N MET B 200 12.63 3.32 -13.94
CA MET B 200 11.93 2.03 -13.99
C MET B 200 12.84 0.81 -13.78
N LYS B 201 14.04 0.84 -14.35
CA LYS B 201 14.97 -0.30 -14.27
C LYS B 201 15.62 -0.40 -12.89
N LEU B 202 16.05 0.73 -12.34
CA LEU B 202 16.62 0.76 -10.99
C LEU B 202 15.57 0.36 -9.92
N LEU B 203 14.34 0.81 -10.09
CA LEU B 203 13.19 0.53 -9.20
C LEU B 203 12.87 -0.99 -9.14
N ASP B 204 12.54 -1.52 -10.31
CA ASP B 204 12.43 -2.97 -10.60
C ASP B 204 13.55 -3.78 -9.92
N PHE B 205 14.80 -3.39 -10.12
CA PHE B 205 15.93 -4.07 -9.43
C PHE B 205 15.89 -3.98 -7.89
N CYS B 206 15.60 -2.79 -7.36
CA CYS B 206 15.55 -2.61 -5.90
C CYS B 206 14.46 -3.52 -5.30
N LYS B 207 13.30 -3.59 -5.94
CA LYS B 207 12.20 -4.43 -5.47
C LYS B 207 12.59 -5.91 -5.32
N SER B 208 13.26 -6.44 -6.35
CA SER B 208 13.70 -7.86 -6.39
C SER B 208 14.69 -8.18 -5.26
N LYS B 209 15.27 -7.15 -4.67
CA LYS B 209 16.22 -7.32 -3.56
C LYS B 209 15.71 -6.82 -2.19
N ASP B 210 14.43 -6.45 -2.14
CA ASP B 210 13.76 -5.97 -0.91
C ASP B 210 14.31 -4.60 -0.48
N ILE B 211 14.73 -3.80 -1.45
CA ILE B 211 15.28 -2.46 -1.23
C ILE B 211 14.24 -1.44 -1.67
N VAL B 212 13.83 -0.59 -0.76
CA VAL B 212 12.82 0.44 -1.03
C VAL B 212 13.51 1.61 -1.72
N LEU B 213 12.96 2.04 -2.85
CA LEU B 213 13.42 3.29 -3.49
C LEU B 213 12.74 4.55 -2.89
N VAL B 214 13.58 5.46 -2.43
CA VAL B 214 13.13 6.70 -1.86
C VAL B 214 13.50 7.81 -2.84
N ALA B 215 12.52 8.64 -3.19
CA ALA B 215 12.64 9.62 -4.27
C ALA B 215 12.81 11.08 -3.81
N TYR B 216 13.85 11.72 -4.37
CA TYR B 216 13.97 13.17 -4.30
C TYR B 216 13.82 13.77 -5.71
N GLY B 217 13.64 15.08 -5.79
CA GLY B 217 13.32 15.72 -7.06
C GLY B 217 11.90 15.43 -7.53
N VAL B 218 11.05 14.95 -6.63
CA VAL B 218 9.66 14.50 -6.98
C VAL B 218 8.91 15.62 -7.70
N LEU B 219 9.20 16.86 -7.30
CA LEU B 219 8.53 18.01 -7.90
C LEU B 219 9.51 18.86 -8.70
N GLY B 220 10.67 18.29 -9.01
CA GLY B 220 11.60 18.88 -9.94
C GLY B 220 12.77 19.56 -9.24
N THR B 221 12.92 19.28 -7.95
CA THR B 221 14.00 19.87 -7.16
C THR B 221 13.79 21.36 -6.97
N GLN B 222 14.44 21.91 -5.95
CA GLN B 222 14.35 23.34 -5.66
C GLN B 222 15.27 24.15 -6.56
N ARG B 223 15.96 23.46 -7.47
CA ARG B 223 16.68 24.12 -8.55
C ARG B 223 17.89 24.92 -7.99
N TYR B 224 18.65 24.31 -7.10
CA TYR B 224 19.85 24.92 -6.55
C TYR B 224 20.85 25.25 -7.66
N PRO B 225 21.22 26.52 -7.75
CA PRO B 225 21.79 27.06 -8.99
C PRO B 225 23.26 26.66 -9.16
N PRO B 226 23.93 26.41 -8.05
CA PRO B 226 25.10 25.51 -8.05
C PRO B 226 24.82 24.22 -8.82
N TRP B 227 23.75 23.53 -8.46
CA TRP B 227 23.62 22.10 -8.74
C TRP B 227 22.75 21.84 -9.95
N VAL B 228 21.92 22.82 -10.30
CA VAL B 228 20.84 22.61 -11.26
C VAL B 228 20.95 23.56 -12.44
N ASP B 229 21.14 23.00 -13.62
CA ASP B 229 21.15 23.79 -14.87
C ASP B 229 19.87 24.62 -14.99
N GLN B 230 20.00 25.95 -14.97
CA GLN B 230 18.83 26.82 -14.90
C GLN B 230 18.05 26.87 -16.20
N ASN B 231 18.61 26.25 -17.25
CA ASN B 231 17.89 26.09 -18.54
C ASN B 231 17.13 24.77 -18.69
N SER B 232 17.21 23.89 -17.69
CA SER B 232 16.37 22.67 -17.65
C SER B 232 14.90 23.07 -17.57
N PRO B 233 13.99 22.28 -18.17
CA PRO B 233 12.58 22.61 -18.05
C PRO B 233 12.07 22.52 -16.58
N VAL B 234 11.10 23.35 -16.23
CA VAL B 234 10.49 23.34 -14.91
C VAL B 234 9.43 22.25 -14.92
N LEU B 235 9.59 21.23 -14.07
CA LEU B 235 8.73 20.02 -14.09
C LEU B 235 7.24 20.33 -13.96
N LEU B 236 6.92 21.19 -13.01
CA LEU B 236 5.52 21.53 -12.71
C LEU B 236 4.87 22.43 -13.77
N ASP B 237 5.60 22.74 -14.84
CA ASP B 237 5.05 23.48 -15.98
C ASP B 237 4.70 22.53 -17.13
N GLU B 238 4.99 21.25 -16.96
CA GLU B 238 4.59 20.22 -17.93
C GLU B 238 3.07 20.28 -18.21
N PRO B 239 2.67 20.50 -19.48
CA PRO B 239 1.24 20.57 -19.81
C PRO B 239 0.45 19.27 -19.58
N VAL B 240 1.13 18.12 -19.57
CA VAL B 240 0.46 16.85 -19.21
C VAL B 240 0.04 16.79 -17.74
N LEU B 241 0.91 17.29 -16.83
CA LEU B 241 0.58 17.42 -15.41
C LEU B 241 -0.54 18.43 -15.17
N GLY B 242 -0.54 19.53 -15.93
CA GLY B 242 -1.62 20.53 -15.89
C GLY B 242 -2.97 20.00 -16.33
N SER B 243 -3.00 19.31 -17.47
CA SER B 243 -4.24 18.73 -17.94
C SER B 243 -4.78 17.61 -17.01
N MET B 244 -3.89 16.74 -16.52
CA MET B 244 -4.28 15.67 -15.58
CA MET B 244 -4.27 15.67 -15.58
C MET B 244 -4.80 16.21 -14.25
N ALA B 245 -4.20 17.32 -13.79
CA ALA B 245 -4.62 17.99 -12.55
C ALA B 245 -6.02 18.58 -12.67
N LYS B 246 -6.34 19.10 -13.85
CA LYS B 246 -7.69 19.60 -14.11
CA LYS B 246 -7.69 19.60 -14.17
C LYS B 246 -8.69 18.44 -14.11
N LYS B 247 -8.33 17.33 -14.74
CA LYS B 247 -9.12 16.07 -14.75
C LYS B 247 -9.49 15.51 -13.37
N TYR B 248 -8.50 15.46 -12.44
CA TYR B 248 -8.73 14.95 -11.09
C TYR B 248 -9.19 16.00 -10.07
N ASN B 249 -9.35 17.25 -10.54
CA ASN B 249 -9.57 18.43 -9.66
C ASN B 249 -8.51 18.50 -8.53
N ARG B 250 -7.26 18.30 -8.92
CA ARG B 250 -6.11 18.35 -8.02
C ARG B 250 -5.00 19.12 -8.79
N THR B 251 -3.79 19.21 -8.26
CA THR B 251 -2.78 20.19 -8.73
C THR B 251 -1.64 19.45 -9.42
N PRO B 252 -0.88 20.15 -10.28
CA PRO B 252 0.27 19.49 -10.93
C PRO B 252 1.18 18.75 -9.90
N ALA B 253 1.54 19.42 -8.80
CA ALA B 253 2.31 18.79 -7.72
C ALA B 253 1.68 17.50 -7.10
N LEU B 254 0.38 17.55 -6.85
CA LEU B 254 -0.33 16.42 -6.26
C LEU B 254 -0.36 15.23 -7.20
N ILE B 255 -0.31 15.50 -8.51
CA ILE B 255 -0.25 14.45 -9.52
C ILE B 255 1.10 13.75 -9.51
N ALA B 256 2.17 14.53 -9.42
CA ALA B 256 3.52 13.99 -9.44
C ALA B 256 3.82 13.21 -8.15
N LEU B 257 3.28 13.70 -7.04
CA LEU B 257 3.42 13.00 -5.75
C LEU B 257 2.73 11.62 -5.77
N ARG B 258 1.47 11.61 -6.20
CA ARG B 258 0.63 10.39 -6.29
C ARG B 258 1.17 9.33 -7.27
N TYR B 259 1.69 9.79 -8.41
CA TYR B 259 2.28 8.88 -9.40
C TYR B 259 3.33 7.98 -8.74
N GLN B 260 4.19 8.58 -7.94
CA GLN B 260 5.24 7.83 -7.27
C GLN B 260 4.73 6.87 -6.18
N LEU B 261 3.80 7.34 -5.34
CA LEU B 261 3.27 6.37 -4.27
CA LEU B 261 3.23 6.47 -4.30
C LEU B 261 2.63 5.20 -4.89
N GLN B 262 2.03 5.33 -6.06
CA GLN B 262 1.32 4.22 -6.69
C GLN B 262 2.29 3.28 -7.40
N ARG B 263 3.57 3.58 -7.30
CA ARG B 263 4.61 2.72 -7.85
C ARG B 263 5.42 2.05 -6.75
N GLY B 264 5.00 2.28 -5.51
CA GLY B 264 5.66 1.69 -4.36
C GLY B 264 6.91 2.44 -3.96
N ILE B 265 6.98 3.71 -4.35
CA ILE B 265 8.08 4.57 -3.98
C ILE B 265 7.74 5.38 -2.72
N VAL B 266 8.71 5.51 -1.82
CA VAL B 266 8.62 6.47 -0.69
C VAL B 266 9.00 7.88 -1.20
N VAL B 267 8.16 8.88 -0.92
CA VAL B 267 8.41 10.20 -1.51
CA VAL B 267 8.30 10.21 -1.50
C VAL B 267 8.81 11.28 -0.52
N LEU B 268 9.85 12.03 -0.92
CA LEU B 268 10.22 13.25 -0.20
C LEU B 268 9.61 14.49 -0.89
N ASN B 269 9.45 15.56 -0.11
CA ASN B 269 9.07 16.87 -0.65
C ASN B 269 9.47 17.99 0.30
N THR B 270 9.76 19.16 -0.27
CA THR B 270 10.02 20.39 0.49
C THR B 270 9.21 21.54 -0.12
N SER B 271 8.64 22.36 0.76
CA SER B 271 8.12 23.66 0.35
C SER B 271 8.45 24.65 1.45
N LEU B 272 8.63 25.93 1.08
CA LEU B 272 8.74 27.02 2.05
C LEU B 272 7.37 27.59 2.46
N LYS B 273 6.33 27.11 1.80
CA LYS B 273 5.01 27.72 1.94
C LYS B 273 4.07 26.79 2.68
N GLU B 274 3.54 27.29 3.79
CA GLU B 274 2.72 26.51 4.71
C GLU B 274 1.48 25.92 4.05
N GLU B 275 0.86 26.72 3.16
CA GLU B 275 -0.28 26.28 2.35
C GLU B 275 0.07 25.10 1.44
N ARG B 276 1.27 25.13 0.88
CA ARG B 276 1.73 24.04 0.01
C ARG B 276 2.05 22.79 0.83
N ILE B 277 2.55 22.99 2.04
CA ILE B 277 2.88 21.88 2.93
C ILE B 277 1.63 21.11 3.34
N LYS B 278 0.55 21.84 3.61
CA LYS B 278 -0.73 21.21 3.91
C LYS B 278 -1.32 20.54 2.68
N GLU B 279 -1.30 21.25 1.56
CA GLU B 279 -1.79 20.70 0.28
C GLU B 279 -1.20 19.33 -0.06
N ASN B 280 0.09 19.15 0.20
CA ASN B 280 0.78 17.93 -0.17
C ASN B 280 0.32 16.66 0.57
N MET B 281 -0.25 16.84 1.77
CA MET B 281 -0.92 15.79 2.51
C MET B 281 -2.17 15.23 1.85
N GLN B 282 -2.75 15.99 0.92
CA GLN B 282 -3.89 15.56 0.10
C GLN B 282 -3.55 14.40 -0.80
N VAL B 283 -2.27 14.00 -0.82
CA VAL B 283 -1.83 12.91 -1.68
C VAL B 283 -2.50 11.55 -1.39
N PHE B 284 -2.95 11.34 -0.14
CA PHE B 284 -3.62 10.10 0.29
C PHE B 284 -5.12 10.11 -0.04
N GLU B 285 -5.59 11.15 -0.69
CA GLU B 285 -7.02 11.43 -0.88
CA GLU B 285 -7.03 11.38 -0.87
C GLU B 285 -7.62 10.88 -2.18
N PHE B 286 -6.78 10.62 -3.18
CA PHE B 286 -7.28 10.26 -4.51
C PHE B 286 -6.42 9.21 -5.19
N GLN B 287 -7.02 8.52 -6.16
CA GLN B 287 -6.35 7.53 -6.98
C GLN B 287 -6.30 7.94 -8.47
N LEU B 288 -5.10 7.87 -9.04
CA LEU B 288 -4.87 7.97 -10.48
C LEU B 288 -5.14 6.59 -11.16
N SER B 289 -5.97 6.58 -12.22
CA SER B 289 -6.28 5.35 -12.95
C SER B 289 -5.04 4.71 -13.58
N SER B 290 -5.09 3.40 -13.86
CA SER B 290 -3.97 2.71 -14.47
C SER B 290 -3.57 3.18 -15.89
N GLU B 291 -4.51 3.78 -16.62
CA GLU B 291 -4.22 4.36 -17.95
C GLU B 291 -3.57 5.76 -17.83
N ASP B 292 -4.00 6.54 -16.84
CA ASP B 292 -3.35 7.83 -16.56
C ASP B 292 -1.92 7.63 -16.05
N MET B 293 -1.69 6.51 -15.37
CA MET B 293 -0.37 6.10 -14.86
C MET B 293 0.57 5.80 -16.02
N LYS B 294 0.05 5.10 -17.02
CA LYS B 294 0.72 4.87 -18.31
C LYS B 294 1.00 6.17 -19.09
N VAL B 295 0.07 7.13 -19.05
CA VAL B 295 0.25 8.45 -19.69
C VAL B 295 1.42 9.22 -19.05
N LEU B 296 1.55 9.13 -17.72
CA LEU B 296 2.70 9.70 -16.98
C LEU B 296 4.00 8.94 -17.18
N ASP B 297 3.94 7.63 -17.31
CA ASP B 297 5.08 6.81 -17.69
C ASP B 297 5.71 7.30 -18.97
N GLY B 298 4.94 7.95 -19.81
CA GLY B 298 5.42 8.29 -21.12
C GLY B 298 6.14 9.61 -21.14
N LEU B 299 6.11 10.33 -20.03
CA LEU B 299 6.91 11.51 -19.91
C LEU B 299 8.41 11.30 -19.81
N ASN B 300 8.83 10.08 -19.59
CA ASN B 300 10.21 9.80 -19.33
C ASN B 300 11.26 10.21 -20.33
N ARG B 301 12.10 11.15 -19.97
CA ARG B 301 13.12 11.62 -20.88
C ARG B 301 14.58 11.67 -20.49
N ASN B 302 14.93 11.06 -19.38
CA ASN B 302 16.29 11.14 -18.95
C ASN B 302 16.71 12.56 -18.68
N MET B 303 15.82 13.33 -18.11
CA MET B 303 16.14 14.62 -17.55
C MET B 303 16.59 14.49 -16.10
N ARG B 304 17.88 14.51 -15.89
CA ARG B 304 18.49 14.50 -14.56
C ARG B 304 18.84 15.90 -14.05
N TYR B 305 18.03 16.41 -13.12
CA TYR B 305 18.22 17.76 -12.56
C TYR B 305 19.48 17.85 -11.71
N ILE B 306 19.81 16.77 -11.02
CA ILE B 306 20.97 16.75 -10.13
C ILE B 306 22.01 15.67 -10.51
N PRO B 307 22.83 15.94 -11.56
CA PRO B 307 23.83 14.97 -11.98
C PRO B 307 25.13 15.00 -11.14
N ALA B 308 25.21 15.89 -10.16
CA ALA B 308 26.40 16.08 -9.32
C ALA B 308 27.65 16.25 -10.22
N ALA B 309 27.56 17.23 -11.12
CA ALA B 309 28.55 17.47 -12.19
C ALA B 309 29.96 17.73 -11.69
N ILE B 310 30.10 18.45 -10.57
CA ILE B 310 31.41 18.67 -9.94
C ILE B 310 32.14 17.38 -9.53
N PHE B 311 31.40 16.27 -9.42
CA PHE B 311 31.93 14.95 -9.03
C PHE B 311 32.27 14.08 -10.25
N LYS B 312 31.96 14.58 -11.45
CA LYS B 312 32.04 13.79 -12.70
C LYS B 312 33.39 13.06 -12.96
N GLY B 313 34.50 13.65 -12.51
CA GLY B 313 35.80 12.97 -12.60
C GLY B 313 36.03 11.79 -11.67
N HIS B 314 35.16 11.62 -10.67
CA HIS B 314 35.30 10.54 -9.67
C HIS B 314 35.14 9.15 -10.28
N PRO B 315 36.05 8.23 -9.95
CA PRO B 315 35.93 6.85 -10.45
C PRO B 315 34.63 6.13 -10.02
N ASN B 316 33.96 6.64 -8.97
CA ASN B 316 32.72 6.03 -8.47
C ASN B 316 31.48 6.83 -8.80
N TRP B 317 31.63 7.81 -9.70
CA TRP B 317 30.48 8.59 -10.15
C TRP B 317 29.37 7.66 -10.70
N PRO B 318 28.17 7.71 -10.05
CA PRO B 318 27.12 6.69 -10.32
C PRO B 318 26.31 6.85 -11.60
N PHE B 319 26.43 8.00 -12.28
CA PHE B 319 25.47 8.34 -13.33
C PHE B 319 25.92 8.08 -14.78
N LEU B 320 27.06 7.42 -14.96
CA LEU B 320 27.54 7.02 -16.30
C LEU B 320 26.86 5.74 -16.78
N ASP B 321 26.79 4.72 -15.92
CA ASP B 321 26.06 3.47 -16.18
C ASP B 321 24.61 3.72 -16.56
N GLU B 322 24.02 2.80 -17.32
CA GLU B 322 22.64 2.97 -17.79
C GLU B 322 21.70 3.11 -16.59
N TYR B 323 21.90 2.24 -15.59
CA TYR B 323 21.24 2.36 -14.29
C TYR B 323 22.08 1.67 -13.22
#